data_4UPD
#
_entry.id   4UPD
#
_cell.length_a   164.860
_cell.length_b   164.860
_cell.length_c   94.140
_cell.angle_alpha   90.00
_cell.angle_beta   90.00
_cell.angle_gamma   90.00
#
_symmetry.space_group_name_H-M   'I 41'
#
loop_
_entity.id
_entity.type
_entity.pdbx_description
1 polymer 'STEROL ESTERASE'
2 non-polymer '[(2R)-2-heptanoyloxy-3-phosphonooxy-propyl] nonanoate'
3 non-polymer 'TRIETHYLENE GLYCOL'
4 non-polymer 2-acetamido-2-deoxy-beta-D-glucopyranose
5 water water
#
_entity_poly.entity_id   1
_entity_poly.type   'polypeptide(L)'
_entity_poly.pdbx_seq_one_letter_code
;EAEAYVEFTTVNVNYPEGEVVGVSVLGIESFRGVPFAQPPVGNLRLKPPVRYTENIGTKDTTGIGPSCPQMYLSTGNGEL
LFQLVGNLINIPLFQTATLSSEDCLTLNIQRPAGTTSNSSLPVLFWIFGGGFELGTNQYYDGIDLLTEGISLGEPFIFVA
INYRVGGFGFLGGKEIKADGSSNLGLLDQRIALEWVADNIASFGGDPSKVTIWGESAGSISVFDQMALYGGNNKYKGKAL
FRGGIMNSGSVVPAAPVDGVKAQAIYDHVVSEAGCAGTSDTLACLRTVDYTKFLTAVNSVPGIVSYSSIALSYLPRPDGV
VLIDSPEEIVKNKQYAAVPMIIGDQEDEGTLFAVLPNNITSTAKIVQYFQDLYFYNATKEQLTAFVNTYPTDITAGSPFN
TGIFNELYPGFKRLAAILGDMTFTLARRAFLQLCSEVNPDVPSWSYLASYDYGFPFLGTFHATDILQVFYGVLPNYASGS
IQKYYINFVTTGDPNKGAAVDIQWPQWSAKKNILQIYATKAVIVADNFRAKSYEYLYNNWGIFRI
;
_entity_poly.pdbx_strand_id   A,B
#
loop_
_chem_comp.id
_chem_comp.type
_chem_comp.name
_chem_comp.formula
7P9 non-polymer '[(2R)-2-heptanoyloxy-3-phosphonooxy-propyl] nonanoate' 'C19 H37 O8 P'
NAG D-saccharide, beta linking 2-acetamido-2-deoxy-beta-D-glucopyranose 'C8 H15 N O6'
PGE non-polymer 'TRIETHYLENE GLYCOL' 'C6 H14 O4'
#
# COMPACT_ATOMS: atom_id res chain seq x y z
N PHE A 8 26.50 15.06 -10.38
CA PHE A 8 25.47 16.07 -10.56
C PHE A 8 25.86 17.11 -11.56
N THR A 9 25.57 16.86 -12.81
CA THR A 9 25.73 17.85 -13.81
C THR A 9 24.38 18.39 -14.22
N THR A 10 24.28 19.70 -14.26
CA THR A 10 23.12 20.34 -14.83
C THR A 10 23.28 20.53 -16.32
N VAL A 11 22.16 20.70 -17.00
CA VAL A 11 22.18 21.08 -18.38
C VAL A 11 20.96 21.92 -18.61
N ASN A 12 21.04 22.83 -19.54
CA ASN A 12 19.85 23.59 -19.82
C ASN A 12 19.49 23.93 -21.23
N VAL A 13 18.21 24.17 -21.41
CA VAL A 13 17.65 24.42 -22.68
C VAL A 13 16.86 25.68 -22.69
N ASN A 14 17.21 26.56 -23.59
CA ASN A 14 16.37 27.65 -23.94
C ASN A 14 15.43 27.22 -25.04
N TYR A 15 14.20 27.63 -24.89
CA TYR A 15 13.14 27.26 -25.79
C TYR A 15 12.19 28.43 -25.91
N PRO A 16 11.25 28.40 -26.81
CA PRO A 16 10.48 29.59 -27.09
C PRO A 16 9.74 30.13 -25.91
N GLU A 17 9.27 29.31 -24.99
CA GLU A 17 8.62 29.84 -23.81
C GLU A 17 9.43 30.06 -22.51
N GLY A 18 10.68 29.65 -22.48
CA GLY A 18 11.46 29.74 -21.30
C GLY A 18 12.79 29.07 -21.34
N GLU A 19 13.34 28.87 -20.17
CA GLU A 19 14.54 28.10 -19.99
C GLU A 19 14.32 27.11 -18.87
N VAL A 20 14.82 25.92 -19.01
CA VAL A 20 14.75 24.93 -17.98
C VAL A 20 16.12 24.36 -17.71
N VAL A 21 16.40 24.04 -16.47
CA VAL A 21 17.60 23.37 -16.08
C VAL A 21 17.25 21.98 -15.68
N GLY A 22 17.94 21.04 -16.28
CA GLY A 22 17.70 19.64 -16.03
C GLY A 22 18.94 18.98 -15.53
N VAL A 23 18.90 17.67 -15.43
CA VAL A 23 19.96 16.91 -14.82
C VAL A 23 20.42 15.79 -15.71
N SER A 24 21.72 15.58 -15.75
CA SER A 24 22.29 14.53 -16.57
C SER A 24 22.86 13.47 -15.69
N VAL A 25 22.32 12.27 -15.78
CA VAL A 25 22.79 11.17 -14.99
C VAL A 25 22.97 9.97 -15.86
N LEU A 26 24.17 9.41 -15.88
CA LEU A 26 24.39 8.14 -16.50
C LEU A 26 23.93 8.09 -17.93
N GLY A 27 24.16 9.17 -18.66
CA GLY A 27 23.82 9.18 -20.06
C GLY A 27 22.45 9.63 -20.44
N ILE A 28 21.66 10.07 -19.49
CA ILE A 28 20.35 10.63 -19.77
C ILE A 28 20.18 11.98 -19.15
N GLU A 29 19.57 12.88 -19.88
CA GLU A 29 19.28 14.20 -19.38
C GLU A 29 17.79 14.31 -19.17
N SER A 30 17.38 14.75 -18.00
CA SER A 30 15.99 14.78 -17.66
C SER A 30 15.56 16.13 -17.21
N PHE A 31 14.44 16.57 -17.72
CA PHE A 31 13.80 17.75 -17.23
C PHE A 31 12.45 17.37 -16.71
N ARG A 32 12.22 17.51 -15.43
CA ARG A 32 10.96 17.10 -14.84
C ARG A 32 10.17 18.29 -14.36
N GLY A 33 8.91 18.34 -14.70
CA GLY A 33 8.12 19.49 -14.36
C GLY A 33 8.07 20.69 -15.28
N VAL A 34 8.28 20.49 -16.55
CA VAL A 34 8.22 21.57 -17.48
C VAL A 34 6.79 21.97 -17.68
N PRO A 35 6.41 23.21 -17.38
CA PRO A 35 5.03 23.62 -17.61
C PRO A 35 4.64 23.73 -19.07
N PHE A 36 3.46 23.25 -19.41
CA PHE A 36 2.96 23.36 -20.76
C PHE A 36 1.73 24.20 -20.91
N ALA A 37 1.12 24.55 -19.82
CA ALA A 37 -0.07 25.35 -19.86
C ALA A 37 -0.24 26.09 -18.58
N GLN A 38 -1.04 27.13 -18.63
CA GLN A 38 -1.32 27.90 -17.48
C GLN A 38 -1.97 27.04 -16.41
N PRO A 39 -1.65 27.30 -15.16
CA PRO A 39 -2.20 26.46 -14.11
C PRO A 39 -3.70 26.54 -14.02
N PRO A 40 -4.40 25.42 -13.97
CA PRO A 40 -5.85 25.48 -13.95
C PRO A 40 -6.43 25.68 -12.58
N VAL A 41 -6.21 26.86 -12.04
CA VAL A 41 -6.58 27.23 -10.69
C VAL A 41 -7.47 28.42 -10.76
N GLY A 42 -8.20 28.69 -9.71
CA GLY A 42 -9.07 29.82 -9.70
C GLY A 42 -10.11 29.76 -10.74
N ASN A 43 -10.13 30.79 -11.56
CA ASN A 43 -11.02 30.91 -12.69
C ASN A 43 -10.75 29.89 -13.75
N LEU A 44 -9.59 29.29 -13.71
CA LEU A 44 -9.25 28.25 -14.64
C LEU A 44 -9.54 26.84 -14.19
N ARG A 45 -9.99 26.62 -12.96
CA ARG A 45 -10.42 25.29 -12.59
C ARG A 45 -11.61 25.01 -13.46
N LEU A 46 -11.71 23.80 -13.93
CA LEU A 46 -12.80 23.42 -14.78
C LEU A 46 -12.93 24.25 -16.03
N LYS A 47 -11.81 24.66 -16.57
CA LYS A 47 -11.78 25.36 -17.82
C LYS A 47 -10.78 24.71 -18.72
N PRO A 48 -10.92 24.87 -20.01
CA PRO A 48 -9.99 24.32 -20.97
C PRO A 48 -8.62 24.90 -20.78
N PRO A 49 -7.57 24.15 -21.02
CA PRO A 49 -6.22 24.65 -20.79
C PRO A 49 -5.83 25.78 -21.72
N VAL A 50 -5.02 26.69 -21.25
CA VAL A 50 -4.58 27.81 -22.03
C VAL A 50 -3.09 27.85 -22.04
N ARG A 51 -2.52 28.14 -23.18
CA ARG A 51 -1.10 28.30 -23.33
C ARG A 51 -0.62 29.52 -22.60
N TYR A 52 0.63 29.50 -22.23
CA TYR A 52 1.25 30.64 -21.63
C TYR A 52 1.40 31.75 -22.64
N THR A 53 1.10 32.96 -22.20
CA THR A 53 1.20 34.10 -23.07
C THR A 53 2.49 34.84 -22.89
N GLU A 54 3.19 34.56 -21.81
CA GLU A 54 4.40 35.26 -21.50
C GLU A 54 5.46 34.27 -21.20
N ASN A 55 6.70 34.67 -21.38
CA ASN A 55 7.82 33.83 -21.04
C ASN A 55 7.75 33.50 -19.58
N ILE A 56 8.02 32.25 -19.26
CA ILE A 56 7.97 31.80 -17.90
C ILE A 56 9.27 31.91 -17.17
N GLY A 57 10.30 32.39 -17.84
CA GLY A 57 11.58 32.59 -17.22
C GLY A 57 12.40 31.34 -17.18
N THR A 58 13.20 31.23 -16.17
CA THR A 58 14.08 30.13 -16.01
C THR A 58 13.64 29.22 -14.86
N LYS A 59 13.49 27.95 -15.14
CA LYS A 59 12.95 27.02 -14.19
C LYS A 59 13.87 25.90 -13.84
N ASP A 60 13.87 25.54 -12.59
CA ASP A 60 14.63 24.42 -12.10
C ASP A 60 13.74 23.23 -12.32
N THR A 61 14.20 22.32 -13.15
CA THR A 61 13.50 21.11 -13.44
C THR A 61 14.27 19.91 -12.98
N THR A 62 15.16 20.10 -12.03
CA THR A 62 16.04 19.07 -11.51
C THR A 62 15.43 18.09 -10.51
N GLY A 63 14.26 18.42 -10.06
CA GLY A 63 13.53 17.67 -9.06
C GLY A 63 12.50 16.68 -9.55
N ILE A 64 11.54 16.43 -8.71
CA ILE A 64 10.37 15.68 -9.05
C ILE A 64 9.25 16.67 -9.27
N GLY A 65 8.54 16.48 -10.35
CA GLY A 65 7.40 17.25 -10.71
C GLY A 65 6.16 16.88 -9.95
N PRO A 66 5.13 17.67 -10.13
CA PRO A 66 3.86 17.52 -9.45
C PRO A 66 2.91 16.51 -10.10
N SER A 67 1.81 16.23 -9.44
CA SER A 67 0.77 15.46 -10.05
C SER A 67 -0.51 16.22 -9.97
N CYS A 68 -1.42 15.86 -10.82
CA CYS A 68 -2.74 16.36 -10.75
C CYS A 68 -3.52 15.66 -9.61
N PRO A 69 -4.63 16.21 -9.17
CA PRO A 69 -5.33 15.63 -8.04
C PRO A 69 -5.82 14.25 -8.33
N GLN A 70 -5.64 13.39 -7.36
CA GLN A 70 -5.88 11.99 -7.47
C GLN A 70 -7.17 11.53 -6.82
N MET A 71 -7.77 10.50 -7.40
CA MET A 71 -8.89 9.81 -6.81
C MET A 71 -8.52 8.36 -6.76
N TYR A 72 -7.78 8.00 -5.75
CA TYR A 72 -7.47 6.62 -5.45
C TYR A 72 -8.65 5.82 -4.98
N LEU A 73 -9.39 6.39 -4.05
CA LEU A 73 -10.55 5.77 -3.50
C LEU A 73 -11.61 6.78 -3.26
N SER A 74 -12.84 6.33 -3.36
CA SER A 74 -13.99 7.14 -3.08
C SER A 74 -14.12 7.64 -1.65
N THR A 75 -14.53 8.87 -1.51
CA THR A 75 -14.83 9.42 -0.22
C THR A 75 -16.23 9.19 0.25
N GLY A 76 -17.14 8.87 -0.65
CA GLY A 76 -18.52 8.63 -0.32
C GLY A 76 -19.18 7.31 -0.65
N ASN A 77 -18.45 6.39 -1.22
CA ASN A 77 -19.03 5.17 -1.72
C ASN A 77 -18.13 3.98 -1.42
N GLY A 78 -18.69 2.81 -1.38
CA GLY A 78 -17.93 1.63 -1.12
C GLY A 78 -17.75 1.29 0.32
N GLU A 79 -16.87 0.35 0.56
CA GLU A 79 -16.65 -0.20 1.86
C GLU A 79 -16.10 0.84 2.79
N LEU A 80 -16.43 0.73 4.06
CA LEU A 80 -16.13 1.74 5.03
C LEU A 80 -14.66 2.02 5.21
N LEU A 81 -13.84 1.00 5.18
CA LEU A 81 -12.43 1.20 5.30
C LEU A 81 -11.87 2.02 4.15
N PHE A 82 -12.34 1.72 2.95
CA PHE A 82 -11.95 2.45 1.75
C PHE A 82 -12.37 3.91 1.75
N GLN A 83 -13.54 4.17 2.24
CA GLN A 83 -14.00 5.50 2.43
C GLN A 83 -13.14 6.23 3.41
N LEU A 84 -12.74 5.58 4.48
CA LEU A 84 -11.92 6.21 5.47
C LEU A 84 -10.59 6.61 4.92
N VAL A 85 -9.95 5.70 4.22
CA VAL A 85 -8.70 5.96 3.56
C VAL A 85 -8.87 7.02 2.48
N GLY A 86 -9.96 6.98 1.77
CA GLY A 86 -10.21 7.96 0.75
C GLY A 86 -10.27 9.36 1.27
N ASN A 87 -10.92 9.57 2.38
CA ASN A 87 -10.88 10.83 3.08
C ASN A 87 -9.53 11.22 3.66
N LEU A 88 -8.81 10.31 4.25
CA LEU A 88 -7.52 10.60 4.83
C LEU A 88 -6.45 11.06 3.85
N ILE A 89 -6.45 10.50 2.65
CA ILE A 89 -5.55 10.85 1.57
C ILE A 89 -5.70 12.31 1.14
N ASN A 90 -6.90 12.84 1.25
CA ASN A 90 -7.23 14.17 0.84
C ASN A 90 -6.83 15.33 1.76
N ILE A 91 -6.36 15.03 2.95
CA ILE A 91 -5.92 16.08 3.82
C ILE A 91 -4.71 16.76 3.25
N PRO A 92 -4.52 18.01 3.54
CA PRO A 92 -3.52 18.81 2.88
C PRO A 92 -2.12 18.32 3.10
N LEU A 93 -1.88 17.74 4.25
CA LEU A 93 -0.57 17.26 4.56
C LEU A 93 -0.11 16.16 3.64
N PHE A 94 -0.97 15.22 3.33
CA PHE A 94 -0.71 14.22 2.33
C PHE A 94 -0.66 14.73 0.90
N GLN A 95 -1.47 15.69 0.57
CA GLN A 95 -1.45 16.26 -0.74
C GLN A 95 -0.12 16.91 -1.00
N THR A 96 0.39 17.62 -0.03
CA THR A 96 1.70 18.26 -0.10
C THR A 96 2.84 17.28 -0.24
N ALA A 97 2.72 16.17 0.47
CA ALA A 97 3.67 15.11 0.48
C ALA A 97 3.84 14.41 -0.84
N THR A 98 2.78 14.32 -1.62
CA THR A 98 2.82 13.67 -2.89
C THR A 98 2.99 14.63 -4.07
N LEU A 99 3.22 15.90 -3.76
CA LEU A 99 3.32 16.95 -4.72
C LEU A 99 2.09 17.08 -5.59
N SER A 100 0.94 16.93 -5.01
CA SER A 100 -0.28 16.91 -5.74
C SER A 100 -1.10 18.14 -5.55
N SER A 101 -1.43 18.79 -6.65
CA SER A 101 -2.25 19.96 -6.63
C SER A 101 -2.87 20.23 -7.97
N GLU A 102 -3.69 21.25 -8.00
CA GLU A 102 -4.31 21.73 -9.19
C GLU A 102 -3.32 22.31 -10.19
N ASP A 103 -2.18 22.74 -9.74
CA ASP A 103 -1.16 23.25 -10.59
C ASP A 103 -0.29 22.14 -11.06
N CYS A 104 -0.79 21.43 -12.04
CA CYS A 104 -0.23 20.20 -12.47
C CYS A 104 0.07 20.04 -13.94
N LEU A 105 -0.14 21.05 -14.74
CA LEU A 105 0.03 20.84 -16.15
C LEU A 105 1.48 20.95 -16.58
N THR A 106 2.20 19.88 -16.37
CA THR A 106 3.60 19.85 -16.62
C THR A 106 3.92 18.53 -17.27
N LEU A 107 5.06 18.43 -17.88
CA LEU A 107 5.49 17.24 -18.54
C LEU A 107 6.95 17.00 -18.25
N ASN A 108 7.43 15.82 -18.54
CA ASN A 108 8.80 15.50 -18.33
C ASN A 108 9.48 15.23 -19.64
N ILE A 109 10.70 15.66 -19.78
CA ILE A 109 11.45 15.38 -20.97
C ILE A 109 12.76 14.65 -20.66
N GLN A 110 12.99 13.55 -21.34
CA GLN A 110 14.22 12.80 -21.21
C GLN A 110 14.89 12.50 -22.55
N ARG A 111 16.19 12.66 -22.61
CA ARG A 111 16.94 12.50 -23.83
C ARG A 111 18.30 11.97 -23.58
N PRO A 112 18.95 11.45 -24.59
CA PRO A 112 20.33 11.02 -24.41
C PRO A 112 21.24 12.19 -24.11
N ALA A 113 22.26 11.94 -23.33
CA ALA A 113 23.21 12.95 -23.01
C ALA A 113 23.89 13.46 -24.26
N GLY A 114 24.02 14.75 -24.35
CA GLY A 114 24.62 15.37 -25.50
C GLY A 114 23.70 15.77 -26.63
N THR A 115 22.41 15.68 -26.43
CA THR A 115 21.45 16.13 -27.40
C THR A 115 21.42 17.63 -27.44
N THR A 116 21.23 18.18 -28.62
CA THR A 116 21.26 19.60 -28.89
C THR A 116 20.06 19.94 -29.70
N SER A 117 19.83 21.21 -29.92
CA SER A 117 18.72 21.68 -30.70
C SER A 117 18.85 21.24 -32.13
N ASN A 118 20.06 20.86 -32.46
CA ASN A 118 20.47 20.23 -33.71
C ASN A 118 20.10 18.77 -33.93
N SER A 119 19.81 18.04 -32.87
CA SER A 119 19.70 16.60 -32.90
C SER A 119 18.61 15.95 -33.74
N SER A 120 17.45 16.56 -33.82
CA SER A 120 16.35 16.03 -34.61
C SER A 120 15.93 14.58 -34.34
N LEU A 121 15.79 14.21 -33.08
CA LEU A 121 15.35 12.87 -32.74
C LEU A 121 13.86 12.63 -32.78
N PRO A 122 13.48 11.39 -32.97
CA PRO A 122 12.09 10.98 -32.86
C PRO A 122 11.53 11.09 -31.44
N VAL A 123 10.25 11.39 -31.33
CA VAL A 123 9.64 11.64 -30.06
C VAL A 123 8.62 10.60 -29.69
N LEU A 124 8.77 10.04 -28.51
CA LEU A 124 7.78 9.16 -27.96
C LEU A 124 7.04 9.87 -26.84
N PHE A 125 5.75 10.03 -27.01
CA PHE A 125 4.88 10.81 -26.14
C PHE A 125 4.01 9.81 -25.39
N TRP A 126 4.18 9.74 -24.09
CA TRP A 126 3.51 8.80 -23.23
C TRP A 126 2.39 9.39 -22.42
N ILE A 127 1.26 8.74 -22.48
CA ILE A 127 0.13 9.06 -21.68
C ILE A 127 -0.20 7.95 -20.70
N PHE A 128 -0.13 8.27 -19.43
CA PHE A 128 -0.39 7.36 -18.32
C PHE A 128 -1.84 6.96 -18.22
N GLY A 129 -2.09 5.82 -17.64
CA GLY A 129 -3.43 5.40 -17.42
C GLY A 129 -3.77 5.23 -15.99
N GLY A 130 -4.86 5.77 -15.56
CA GLY A 130 -5.43 5.44 -14.27
C GLY A 130 -6.94 5.36 -14.23
N GLY A 131 -7.57 4.86 -15.26
CA GLY A 131 -9.01 4.76 -15.30
C GLY A 131 -9.74 6.08 -15.23
N PHE A 132 -9.08 7.12 -15.67
CA PHE A 132 -9.56 8.47 -15.79
C PHE A 132 -9.75 9.08 -14.44
N GLU A 133 -9.22 8.44 -13.42
CA GLU A 133 -9.44 8.85 -12.07
C GLU A 133 -8.20 9.13 -11.30
N LEU A 134 -7.14 8.50 -11.71
CA LEU A 134 -5.86 8.63 -11.08
C LEU A 134 -4.78 8.57 -12.12
N GLY A 135 -3.55 8.65 -11.64
CA GLY A 135 -2.36 8.62 -12.45
C GLY A 135 -1.65 9.93 -12.61
N THR A 136 -0.37 9.82 -12.83
CA THR A 136 0.50 10.92 -13.07
C THR A 136 1.72 10.38 -13.78
N ASN A 137 2.50 11.29 -14.32
CA ASN A 137 3.78 11.02 -14.92
C ASN A 137 4.91 10.77 -13.96
N GLN A 138 4.67 10.96 -12.69
CA GLN A 138 5.68 10.93 -11.67
C GLN A 138 6.39 9.61 -11.61
N TYR A 139 5.69 8.53 -11.90
CA TYR A 139 6.27 7.23 -11.79
C TYR A 139 6.45 6.51 -13.11
N TYR A 140 6.49 7.27 -14.17
CA TYR A 140 6.84 6.74 -15.45
C TYR A 140 8.09 7.38 -16.00
N ASP A 141 9.21 6.82 -15.61
CA ASP A 141 10.51 7.28 -15.98
C ASP A 141 11.04 6.50 -17.16
N GLY A 142 11.58 7.20 -18.11
CA GLY A 142 11.98 6.66 -19.37
C GLY A 142 13.38 6.14 -19.49
N ILE A 143 14.12 6.14 -18.40
CA ILE A 143 15.52 5.84 -18.46
C ILE A 143 15.79 4.44 -19.01
N ASP A 144 15.04 3.45 -18.58
CA ASP A 144 15.21 2.13 -19.12
C ASP A 144 14.86 1.97 -20.58
N LEU A 145 13.76 2.54 -21.02
CA LEU A 145 13.39 2.49 -22.41
C LEU A 145 14.37 3.20 -23.29
N LEU A 146 14.78 4.37 -22.83
CA LEU A 146 15.73 5.22 -23.50
C LEU A 146 17.08 4.58 -23.57
N THR A 147 17.45 3.91 -22.51
CA THR A 147 18.69 3.21 -22.45
C THR A 147 18.67 2.13 -23.48
N GLU A 148 17.54 1.50 -23.68
CA GLU A 148 17.42 0.51 -24.71
C GLU A 148 17.53 1.03 -26.11
N GLY A 149 16.95 2.18 -26.37
CA GLY A 149 17.01 2.72 -27.69
C GLY A 149 18.40 3.09 -28.06
N ILE A 150 19.11 3.70 -27.14
CA ILE A 150 20.45 4.18 -27.33
C ILE A 150 21.32 3.01 -27.64
N SER A 151 21.09 1.94 -26.93
CA SER A 151 21.82 0.75 -27.14
C SER A 151 21.52 0.11 -28.46
N LEU A 152 20.37 0.39 -29.00
CA LEU A 152 19.99 -0.21 -30.25
C LEU A 152 20.35 0.63 -31.45
N GLY A 153 20.90 1.79 -31.21
CA GLY A 153 21.09 2.73 -32.27
C GLY A 153 19.88 3.52 -32.73
N GLU A 154 18.82 3.54 -31.94
CA GLU A 154 17.64 4.28 -32.31
C GLU A 154 17.22 5.15 -31.18
N PRO A 155 17.97 6.18 -30.94
CA PRO A 155 17.72 7.09 -29.84
C PRO A 155 16.47 7.91 -30.04
N PHE A 156 15.90 8.39 -28.97
CA PHE A 156 14.69 9.15 -29.05
C PHE A 156 14.56 10.07 -27.89
N ILE A 157 13.60 10.95 -27.96
CA ILE A 157 13.24 11.82 -26.88
C ILE A 157 11.96 11.33 -26.24
N PHE A 158 11.96 11.11 -24.94
CA PHE A 158 10.81 10.64 -24.22
C PHE A 158 10.08 11.79 -23.57
N VAL A 159 8.78 11.84 -23.79
CA VAL A 159 7.91 12.84 -23.21
C VAL A 159 6.75 12.19 -22.47
N ALA A 160 6.60 12.52 -21.20
CA ALA A 160 5.51 12.01 -20.41
C ALA A 160 4.75 13.14 -19.77
N ILE A 161 3.47 13.17 -20.03
CA ILE A 161 2.62 14.24 -19.60
C ILE A 161 1.79 14.00 -18.34
N ASN A 162 1.33 15.07 -17.75
CA ASN A 162 0.30 15.07 -16.75
C ASN A 162 -0.93 15.58 -17.41
N TYR A 163 -2.08 15.05 -17.08
CA TYR A 163 -3.36 15.61 -17.48
C TYR A 163 -4.34 15.46 -16.37
N ARG A 164 -5.36 16.29 -16.33
CA ARG A 164 -6.36 16.23 -15.29
C ARG A 164 -7.21 14.99 -15.34
N VAL A 165 -7.45 14.39 -14.19
CA VAL A 165 -8.24 13.21 -14.06
C VAL A 165 -9.39 13.40 -13.07
N GLY A 166 -10.31 12.47 -13.08
CA GLY A 166 -11.51 12.56 -12.31
C GLY A 166 -12.32 13.78 -12.61
N GLY A 167 -12.81 14.38 -11.56
CA GLY A 167 -13.60 15.59 -11.55
C GLY A 167 -13.00 16.88 -12.04
N PHE A 168 -11.70 17.00 -11.90
CA PHE A 168 -10.93 18.06 -12.51
C PHE A 168 -10.84 17.98 -14.04
N GLY A 169 -10.81 16.76 -14.56
CA GLY A 169 -10.73 16.49 -15.97
C GLY A 169 -11.94 16.05 -16.75
N PHE A 170 -12.81 15.28 -16.11
CA PHE A 170 -13.92 14.62 -16.77
C PHE A 170 -15.32 14.81 -16.24
N LEU A 171 -15.56 15.89 -15.53
CA LEU A 171 -16.88 16.21 -15.11
C LEU A 171 -17.74 16.57 -16.29
N GLY A 172 -18.94 16.06 -16.29
CA GLY A 172 -19.90 16.16 -17.35
C GLY A 172 -21.14 16.87 -16.91
N GLY A 173 -22.25 16.59 -17.57
CA GLY A 173 -23.49 17.29 -17.36
C GLY A 173 -23.69 18.46 -18.27
N LYS A 174 -24.88 19.00 -18.33
CA LYS A 174 -25.22 20.07 -19.25
C LYS A 174 -24.56 21.40 -19.07
N GLU A 175 -24.31 21.77 -17.84
CA GLU A 175 -23.63 22.99 -17.52
C GLU A 175 -22.22 22.97 -18.02
N ILE A 176 -21.56 21.85 -17.87
CA ILE A 176 -20.24 21.68 -18.39
C ILE A 176 -20.26 21.79 -19.90
N LYS A 177 -21.24 21.16 -20.53
CA LYS A 177 -21.32 21.21 -21.95
C LYS A 177 -21.51 22.60 -22.49
N ALA A 178 -22.39 23.36 -21.88
CA ALA A 178 -22.68 24.71 -22.30
C ALA A 178 -21.51 25.64 -22.18
N ASP A 179 -20.69 25.44 -21.18
CA ASP A 179 -19.51 26.23 -20.95
C ASP A 179 -18.42 25.96 -21.96
N GLY A 180 -18.56 24.89 -22.70
CA GLY A 180 -17.51 24.42 -23.56
C GLY A 180 -16.37 23.73 -22.85
N SER A 181 -16.67 23.18 -21.71
CA SER A 181 -15.67 22.59 -20.85
C SER A 181 -15.68 21.10 -20.71
N SER A 182 -16.26 20.40 -21.65
CA SER A 182 -16.24 18.97 -21.65
C SER A 182 -14.86 18.40 -21.95
N ASN A 183 -14.57 17.25 -21.40
CA ASN A 183 -13.38 16.49 -21.73
C ASN A 183 -12.06 17.23 -21.60
N LEU A 184 -11.90 17.88 -20.47
CA LEU A 184 -10.76 18.71 -20.17
C LEU A 184 -9.45 17.98 -20.19
N GLY A 185 -9.45 16.76 -19.70
CA GLY A 185 -8.31 15.89 -19.70
C GLY A 185 -7.79 15.55 -21.05
N LEU A 186 -8.67 15.35 -22.02
CA LEU A 186 -8.28 15.24 -23.40
C LEU A 186 -7.68 16.51 -23.96
N LEU A 187 -8.20 17.66 -23.58
CA LEU A 187 -7.65 18.95 -23.96
C LEU A 187 -6.26 19.22 -23.39
N ASP A 188 -5.98 18.70 -22.21
CA ASP A 188 -4.67 18.78 -21.63
C ASP A 188 -3.67 18.00 -22.43
N GLN A 189 -4.05 16.82 -22.87
CA GLN A 189 -3.22 16.01 -23.69
C GLN A 189 -2.93 16.66 -25.01
N ARG A 190 -3.94 17.24 -25.62
CA ARG A 190 -3.83 17.91 -26.88
C ARG A 190 -3.01 19.20 -26.88
N ILE A 191 -3.21 20.01 -25.87
CA ILE A 191 -2.43 21.18 -25.71
C ILE A 191 -0.98 20.82 -25.46
N ALA A 192 -0.74 19.72 -24.78
CA ALA A 192 0.57 19.23 -24.59
C ALA A 192 1.23 18.78 -25.88
N LEU A 193 0.48 18.18 -26.78
CA LEU A 193 0.97 17.86 -28.09
C LEU A 193 1.30 19.10 -28.88
N GLU A 194 0.51 20.11 -28.71
CA GLU A 194 0.73 21.39 -29.31
C GLU A 194 1.96 22.11 -28.78
N TRP A 195 2.24 21.96 -27.49
CA TRP A 195 3.45 22.44 -26.90
C TRP A 195 4.67 21.74 -27.48
N VAL A 196 4.56 20.45 -27.69
CA VAL A 196 5.63 19.69 -28.28
C VAL A 196 5.90 20.16 -29.70
N ALA A 197 4.85 20.43 -30.46
CA ALA A 197 4.97 20.88 -31.80
C ALA A 197 5.72 22.19 -31.88
N ASP A 198 5.41 23.10 -30.99
CA ASP A 198 6.15 24.33 -30.84
C ASP A 198 7.55 24.26 -30.27
N ASN A 199 7.75 23.42 -29.29
CA ASN A 199 8.91 23.53 -28.45
C ASN A 199 9.92 22.40 -28.43
N ILE A 200 9.56 21.23 -28.91
CA ILE A 200 10.44 20.08 -28.85
C ILE A 200 11.72 20.19 -29.66
N ALA A 201 11.70 20.97 -30.72
CA ALA A 201 12.85 21.13 -31.57
C ALA A 201 13.98 21.73 -30.80
N SER A 202 13.65 22.58 -29.86
CA SER A 202 14.61 23.15 -28.97
C SER A 202 15.31 22.11 -28.13
N PHE A 203 14.66 20.99 -27.88
CA PHE A 203 15.19 19.95 -27.06
C PHE A 203 15.89 18.87 -27.87
N GLY A 204 15.97 19.05 -29.16
CA GLY A 204 16.54 18.03 -30.00
C GLY A 204 15.61 17.06 -30.65
N GLY A 205 14.35 17.35 -30.65
CA GLY A 205 13.37 16.40 -31.10
C GLY A 205 12.74 16.80 -32.40
N ASP A 206 12.31 15.84 -33.18
CA ASP A 206 11.67 16.16 -34.43
C ASP A 206 10.16 16.11 -34.27
N PRO A 207 9.50 17.24 -34.40
CA PRO A 207 8.07 17.33 -34.22
C PRO A 207 7.27 16.60 -35.29
N SER A 208 7.89 16.28 -36.40
CA SER A 208 7.23 15.53 -37.43
C SER A 208 7.29 14.03 -37.26
N LYS A 209 7.99 13.61 -36.24
CA LYS A 209 8.03 12.20 -35.94
C LYS A 209 7.64 11.92 -34.49
N VAL A 210 6.39 12.21 -34.17
CA VAL A 210 5.88 11.98 -32.86
C VAL A 210 5.02 10.75 -32.86
N THR A 211 5.33 9.86 -31.94
CA THR A 211 4.50 8.71 -31.70
C THR A 211 3.90 8.81 -30.30
N ILE A 212 2.60 8.63 -30.20
CA ILE A 212 1.92 8.72 -28.93
C ILE A 212 1.65 7.33 -28.41
N TRP A 213 1.88 7.14 -27.14
CA TRP A 213 1.73 5.86 -26.53
C TRP A 213 1.06 5.95 -25.18
N GLY A 214 0.16 5.04 -24.92
CA GLY A 214 -0.49 4.91 -23.64
C GLY A 214 -0.94 3.54 -23.25
N GLU A 215 -1.14 3.35 -21.96
CA GLU A 215 -1.68 2.13 -21.45
C GLU A 215 -3.01 2.44 -20.78
N SER A 216 -3.98 1.57 -20.92
CA SER A 216 -5.28 1.74 -20.31
C SER A 216 -6.03 2.99 -20.76
N ALA A 217 -6.30 3.87 -19.82
CA ALA A 217 -6.93 5.13 -20.09
C ALA A 217 -6.07 5.95 -21.00
N GLY A 218 -4.77 5.80 -20.88
CA GLY A 218 -3.82 6.37 -21.78
C GLY A 218 -3.94 5.83 -23.16
N SER A 219 -4.20 4.54 -23.27
CA SER A 219 -4.46 3.90 -24.51
C SER A 219 -5.75 4.35 -25.20
N ILE A 220 -6.80 4.44 -24.43
CA ILE A 220 -8.08 4.89 -24.87
C ILE A 220 -7.90 6.32 -25.33
N SER A 221 -7.08 7.04 -24.59
CA SER A 221 -6.67 8.39 -24.84
C SER A 221 -5.93 8.57 -26.15
N VAL A 222 -5.13 7.60 -26.56
CA VAL A 222 -4.48 7.66 -27.86
C VAL A 222 -5.50 7.64 -28.98
N PHE A 223 -6.48 6.77 -28.91
CA PHE A 223 -7.50 6.79 -29.89
C PHE A 223 -8.32 8.09 -29.89
N ASP A 224 -8.60 8.64 -28.74
CA ASP A 224 -9.34 9.87 -28.62
C ASP A 224 -8.60 11.05 -29.26
N GLN A 225 -7.28 11.06 -29.20
CA GLN A 225 -6.46 12.03 -29.88
C GLN A 225 -6.56 11.96 -31.40
N MET A 226 -6.60 10.76 -31.94
CA MET A 226 -6.89 10.56 -33.33
C MET A 226 -8.29 11.01 -33.65
N ALA A 227 -9.21 10.76 -32.75
CA ALA A 227 -10.57 11.21 -32.84
C ALA A 227 -10.86 12.67 -32.67
N LEU A 228 -10.03 13.39 -31.95
CA LEU A 228 -10.36 14.72 -31.53
C LEU A 228 -10.66 15.67 -32.66
N TYR A 229 -11.69 16.46 -32.48
CA TYR A 229 -12.14 17.43 -33.45
C TYR A 229 -12.42 16.84 -34.82
N GLY A 230 -13.11 15.72 -34.86
CA GLY A 230 -13.41 15.06 -36.10
C GLY A 230 -12.23 14.58 -36.87
N GLY A 231 -11.20 14.19 -36.19
CA GLY A 231 -10.04 13.67 -36.83
C GLY A 231 -9.04 14.69 -37.26
N ASN A 232 -9.24 15.92 -36.87
CA ASN A 232 -8.27 16.93 -37.18
C ASN A 232 -7.17 17.08 -36.12
N ASN A 233 -6.02 16.51 -36.41
CA ASN A 233 -4.85 16.52 -35.57
C ASN A 233 -3.77 17.46 -36.01
N LYS A 234 -4.16 18.50 -36.70
CA LYS A 234 -3.23 19.45 -37.23
C LYS A 234 -3.20 20.70 -36.42
N TYR A 235 -2.02 21.18 -36.20
CA TYR A 235 -1.82 22.40 -35.52
C TYR A 235 -0.90 23.12 -36.42
N LYS A 236 -1.24 24.34 -36.70
CA LYS A 236 -0.42 25.20 -37.52
C LYS A 236 -0.07 24.52 -38.82
N GLY A 237 -1.01 23.78 -39.34
CA GLY A 237 -0.87 23.09 -40.58
C GLY A 237 -0.16 21.77 -40.61
N LYS A 238 0.24 21.24 -39.48
CA LYS A 238 0.94 19.99 -39.48
C LYS A 238 0.37 19.00 -38.51
N ALA A 239 0.50 17.74 -38.85
CA ALA A 239 0.04 16.69 -37.99
C ALA A 239 0.78 16.69 -36.65
N LEU A 240 0.03 16.53 -35.60
CA LEU A 240 0.58 16.37 -34.27
C LEU A 240 1.33 15.09 -33.99
N PHE A 241 0.93 13.98 -34.58
CA PHE A 241 1.60 12.73 -34.37
C PHE A 241 1.59 11.95 -35.64
N ARG A 242 2.47 11.01 -35.80
CA ARG A 242 2.50 10.18 -36.99
C ARG A 242 2.21 8.71 -36.74
N GLY A 243 2.13 8.30 -35.49
CA GLY A 243 1.89 6.93 -35.15
C GLY A 243 1.30 6.79 -33.78
N GLY A 244 0.60 5.72 -33.53
CA GLY A 244 0.09 5.44 -32.21
C GLY A 244 0.36 4.07 -31.69
N ILE A 245 0.69 3.98 -30.41
CA ILE A 245 0.82 2.71 -29.76
C ILE A 245 -0.23 2.62 -28.66
N MET A 246 -1.09 1.64 -28.73
CA MET A 246 -2.13 1.44 -27.75
C MET A 246 -2.00 0.13 -26.98
N ASN A 247 -1.70 0.21 -25.70
CA ASN A 247 -1.70 -0.93 -24.85
C ASN A 247 -2.90 -0.97 -23.97
N SER A 248 -3.74 -1.96 -24.19
CA SER A 248 -4.96 -2.18 -23.44
C SER A 248 -6.03 -1.12 -23.47
N GLY A 249 -6.66 -0.99 -24.60
CA GLY A 249 -7.80 -0.14 -24.73
C GLY A 249 -7.76 0.71 -25.96
N SER A 250 -8.91 1.05 -26.46
CA SER A 250 -8.98 1.87 -27.62
C SER A 250 -10.31 2.57 -27.72
N VAL A 251 -11.24 1.99 -28.46
CA VAL A 251 -12.56 2.56 -28.65
C VAL A 251 -13.48 2.21 -27.51
N VAL A 252 -14.06 3.20 -26.87
CA VAL A 252 -14.99 3.00 -25.78
C VAL A 252 -16.28 3.71 -26.08
N PRO A 253 -17.31 2.97 -26.39
CA PRO A 253 -18.61 3.57 -26.67
C PRO A 253 -19.20 4.21 -25.45
N ALA A 254 -19.67 5.43 -25.61
CA ALA A 254 -20.21 6.16 -24.51
C ALA A 254 -21.42 7.05 -24.83
N ALA A 255 -22.26 7.18 -23.84
CA ALA A 255 -23.33 8.12 -23.87
C ALA A 255 -22.80 9.49 -23.76
N PRO A 256 -23.58 10.48 -24.14
CA PRO A 256 -23.11 11.85 -24.21
C PRO A 256 -22.80 12.50 -22.87
N VAL A 257 -22.06 13.57 -22.93
CA VAL A 257 -21.63 14.29 -21.78
C VAL A 257 -22.77 14.90 -21.01
N ASP A 258 -23.87 15.14 -21.68
CA ASP A 258 -25.04 15.68 -21.04
C ASP A 258 -26.12 14.65 -20.80
N GLY A 259 -25.70 13.41 -20.80
CA GLY A 259 -26.54 12.26 -20.58
C GLY A 259 -26.86 12.01 -19.16
N VAL A 260 -27.67 11.01 -18.90
CA VAL A 260 -28.17 10.71 -17.58
C VAL A 260 -27.11 10.35 -16.56
N LYS A 261 -26.15 9.53 -16.91
CA LYS A 261 -25.09 9.20 -16.00
C LYS A 261 -24.25 10.38 -15.66
N ALA A 262 -23.87 11.12 -16.67
CA ALA A 262 -23.03 12.27 -16.49
C ALA A 262 -23.67 13.36 -15.68
N GLN A 263 -24.94 13.62 -15.92
CA GLN A 263 -25.67 14.60 -15.17
C GLN A 263 -25.83 14.22 -13.73
N ALA A 264 -26.05 12.95 -13.49
CA ALA A 264 -26.17 12.49 -12.16
C ALA A 264 -24.91 12.65 -11.37
N ILE A 265 -23.77 12.36 -11.97
CA ILE A 265 -22.54 12.54 -11.27
C ILE A 265 -22.32 14.00 -10.94
N TYR A 266 -22.59 14.89 -11.86
CA TYR A 266 -22.41 16.31 -11.64
C TYR A 266 -23.29 16.88 -10.57
N ASP A 267 -24.53 16.45 -10.53
CA ASP A 267 -25.47 16.94 -9.56
C ASP A 267 -25.02 16.51 -8.19
N HIS A 268 -24.51 15.32 -8.11
CA HIS A 268 -24.00 14.81 -6.89
C HIS A 268 -22.82 15.60 -6.37
N VAL A 269 -21.89 15.91 -7.25
CA VAL A 269 -20.69 16.64 -6.90
C VAL A 269 -21.08 18.02 -6.40
N VAL A 270 -22.03 18.63 -7.08
CA VAL A 270 -22.47 19.96 -6.76
C VAL A 270 -23.08 20.03 -5.37
N SER A 271 -23.89 19.05 -5.04
CA SER A 271 -24.50 18.91 -3.73
C SER A 271 -23.50 18.71 -2.59
N GLU A 272 -22.51 17.88 -2.81
CA GLU A 272 -21.40 17.67 -1.90
C GLU A 272 -20.53 18.86 -1.68
N ALA A 273 -20.34 19.66 -2.71
CA ALA A 273 -19.48 20.81 -2.66
C ALA A 273 -20.12 22.01 -2.04
N GLY A 274 -21.41 21.94 -1.79
CA GLY A 274 -22.14 23.07 -1.29
C GLY A 274 -22.58 24.07 -2.32
N CYS A 275 -22.72 23.61 -3.55
CA CYS A 275 -23.10 24.50 -4.63
C CYS A 275 -24.50 24.43 -5.12
N ALA A 276 -25.30 23.56 -4.55
CA ALA A 276 -26.64 23.36 -5.02
C ALA A 276 -27.60 24.51 -4.81
N GLY A 277 -28.29 24.87 -5.87
CA GLY A 277 -29.24 25.93 -5.87
C GLY A 277 -28.69 27.30 -6.12
N THR A 278 -27.42 27.41 -6.41
CA THR A 278 -26.82 28.66 -6.80
C THR A 278 -27.29 29.00 -8.18
N SER A 279 -27.19 30.27 -8.54
CA SER A 279 -27.61 30.70 -9.87
C SER A 279 -26.78 30.08 -10.97
N ASP A 280 -25.49 29.98 -10.76
CA ASP A 280 -24.64 29.30 -11.70
C ASP A 280 -23.77 28.28 -10.97
N THR A 281 -24.20 27.03 -10.93
CA THR A 281 -23.52 26.01 -10.16
C THR A 281 -22.09 25.74 -10.56
N LEU A 282 -21.84 25.70 -11.84
CA LEU A 282 -20.51 25.47 -12.33
C LEU A 282 -19.62 26.60 -11.89
N ALA A 283 -20.14 27.79 -11.87
CA ALA A 283 -19.47 28.87 -11.21
C ALA A 283 -19.27 28.77 -9.67
N CYS A 284 -20.17 28.14 -8.89
CA CYS A 284 -19.95 27.90 -7.44
C CYS A 284 -18.73 27.05 -7.37
N LEU A 285 -18.64 26.10 -8.29
CA LEU A 285 -17.63 25.08 -8.19
C LEU A 285 -16.26 25.66 -8.26
N ARG A 286 -16.07 26.68 -9.05
CA ARG A 286 -14.80 27.37 -9.08
C ARG A 286 -14.42 28.12 -7.79
N THR A 287 -15.38 28.49 -6.98
CA THR A 287 -15.05 29.15 -5.72
C THR A 287 -14.84 28.25 -4.50
N VAL A 288 -15.15 26.97 -4.61
CA VAL A 288 -15.00 26.03 -3.54
C VAL A 288 -13.55 25.78 -3.21
N ASP A 289 -13.25 25.62 -1.93
CA ASP A 289 -11.91 25.40 -1.42
C ASP A 289 -11.44 24.07 -1.94
N TYR A 290 -10.16 23.92 -2.18
CA TYR A 290 -9.65 22.77 -2.83
C TYR A 290 -9.92 21.50 -2.13
N THR A 291 -9.75 21.48 -0.82
CA THR A 291 -10.00 20.30 -0.07
C THR A 291 -11.44 19.87 -0.16
N LYS A 292 -12.37 20.80 -0.04
CA LYS A 292 -13.76 20.47 -0.19
C LYS A 292 -14.15 20.01 -1.57
N PHE A 293 -13.62 20.64 -2.59
CA PHE A 293 -13.87 20.24 -3.95
C PHE A 293 -13.37 18.84 -4.26
N LEU A 294 -12.18 18.53 -3.80
CA LEU A 294 -11.59 17.25 -3.98
C LEU A 294 -12.42 16.20 -3.30
N THR A 295 -12.89 16.52 -2.12
CA THR A 295 -13.70 15.59 -1.37
C THR A 295 -15.00 15.30 -2.08
N ALA A 296 -15.59 16.32 -2.64
CA ALA A 296 -16.74 16.22 -3.47
C ALA A 296 -16.62 15.48 -4.80
N VAL A 297 -15.59 15.74 -5.58
CA VAL A 297 -15.36 14.93 -6.78
C VAL A 297 -15.06 13.46 -6.52
N ASN A 298 -14.40 13.18 -5.42
CA ASN A 298 -14.03 11.84 -5.07
C ASN A 298 -15.13 11.13 -4.32
N SER A 299 -16.22 11.83 -4.15
CA SER A 299 -17.44 11.43 -3.52
C SER A 299 -18.13 10.29 -4.23
N VAL A 300 -18.05 10.28 -5.53
CA VAL A 300 -18.69 9.28 -6.35
C VAL A 300 -18.02 7.92 -6.36
N PRO A 301 -18.65 6.95 -6.98
CA PRO A 301 -18.08 5.63 -7.02
C PRO A 301 -16.79 5.55 -7.78
N GLY A 302 -15.90 4.78 -7.20
CA GLY A 302 -14.57 4.61 -7.68
C GLY A 302 -14.39 3.28 -8.31
N ILE A 303 -13.31 3.18 -9.04
CA ILE A 303 -12.91 1.98 -9.73
C ILE A 303 -12.64 0.82 -8.77
N VAL A 304 -12.08 1.13 -7.62
CA VAL A 304 -11.93 0.14 -6.58
C VAL A 304 -13.20 0.02 -5.74
N SER A 305 -14.20 -0.58 -6.34
CA SER A 305 -15.51 -0.72 -5.79
C SER A 305 -16.24 -1.77 -6.59
N TYR A 306 -17.46 -2.04 -6.20
CA TYR A 306 -18.35 -2.94 -6.86
C TYR A 306 -18.64 -2.45 -8.27
N SER A 307 -18.78 -1.17 -8.47
CA SER A 307 -19.07 -0.63 -9.76
C SER A 307 -17.96 -0.89 -10.74
N SER A 308 -16.76 -1.02 -10.22
CA SER A 308 -15.64 -1.51 -10.99
C SER A 308 -15.35 -0.66 -12.22
N ILE A 309 -15.41 -1.22 -13.40
CA ILE A 309 -15.10 -0.48 -14.60
C ILE A 309 -16.25 0.28 -15.22
N ALA A 310 -17.36 0.36 -14.53
CA ALA A 310 -18.38 1.29 -14.91
C ALA A 310 -18.04 2.61 -14.30
N LEU A 311 -17.16 3.33 -14.95
CA LEU A 311 -16.55 4.50 -14.41
C LEU A 311 -17.43 5.70 -14.29
N SER A 312 -17.24 6.41 -13.19
CA SER A 312 -17.77 7.73 -12.95
C SER A 312 -17.23 8.84 -13.84
N TYR A 313 -15.95 8.78 -14.16
CA TYR A 313 -15.30 9.77 -14.99
C TYR A 313 -14.68 9.14 -16.19
N LEU A 314 -15.03 9.62 -17.36
CA LEU A 314 -14.45 9.18 -18.58
C LEU A 314 -14.78 10.13 -19.70
N PRO A 315 -14.12 9.99 -20.83
CA PRO A 315 -14.45 10.84 -21.96
C PRO A 315 -15.81 10.50 -22.48
N ARG A 316 -16.59 11.51 -22.77
CA ARG A 316 -17.93 11.33 -23.25
C ARG A 316 -18.14 12.27 -24.40
N PRO A 317 -18.83 11.85 -25.44
CA PRO A 317 -18.99 12.71 -26.61
C PRO A 317 -19.72 13.98 -26.33
N ASP A 318 -19.18 15.08 -26.79
CA ASP A 318 -19.73 16.38 -26.56
C ASP A 318 -20.24 17.12 -27.78
N GLY A 319 -20.00 16.57 -28.95
CA GLY A 319 -20.30 17.17 -30.22
C GLY A 319 -19.25 18.02 -30.88
N VAL A 320 -18.22 18.40 -30.15
CA VAL A 320 -17.15 19.15 -30.72
C VAL A 320 -15.79 18.52 -30.57
N VAL A 321 -15.32 18.41 -29.33
CA VAL A 321 -14.07 17.77 -29.04
C VAL A 321 -14.08 16.30 -29.37
N LEU A 322 -15.09 15.62 -28.90
CA LEU A 322 -15.39 14.30 -29.33
C LEU A 322 -16.75 14.36 -29.96
N ILE A 323 -16.82 14.30 -31.26
CA ILE A 323 -18.07 14.50 -31.97
C ILE A 323 -19.17 13.47 -31.72
N ASP A 324 -18.82 12.22 -31.51
CA ASP A 324 -19.78 11.18 -31.42
C ASP A 324 -19.16 10.10 -30.61
N SER A 325 -19.93 9.09 -30.33
CA SER A 325 -19.45 7.96 -29.62
C SER A 325 -18.37 7.35 -30.48
N PRO A 326 -17.31 6.87 -29.87
CA PRO A 326 -16.11 6.47 -30.59
C PRO A 326 -16.31 5.41 -31.65
N GLU A 327 -17.17 4.43 -31.47
CA GLU A 327 -17.40 3.45 -32.49
C GLU A 327 -17.99 4.07 -33.74
N GLU A 328 -18.90 5.01 -33.56
CA GLU A 328 -19.46 5.75 -34.66
C GLU A 328 -18.44 6.56 -35.39
N ILE A 329 -17.49 7.11 -34.66
CA ILE A 329 -16.39 7.86 -35.25
C ILE A 329 -15.51 7.05 -36.18
N VAL A 330 -15.12 5.86 -35.79
CA VAL A 330 -14.36 5.02 -36.67
C VAL A 330 -15.17 4.66 -37.93
N LYS A 331 -16.43 4.30 -37.73
CA LYS A 331 -17.28 3.89 -38.82
C LYS A 331 -17.44 4.97 -39.82
N ASN A 332 -17.51 6.20 -39.37
CA ASN A 332 -17.70 7.30 -40.26
C ASN A 332 -16.43 7.88 -40.80
N LYS A 333 -15.30 7.22 -40.59
CA LYS A 333 -14.03 7.65 -41.11
C LYS A 333 -13.65 9.03 -40.64
N GLN A 334 -13.88 9.30 -39.38
CA GLN A 334 -13.68 10.62 -38.85
C GLN A 334 -12.62 10.76 -37.79
N TYR A 335 -11.53 10.05 -37.96
CA TYR A 335 -10.43 10.06 -37.04
C TYR A 335 -9.19 10.15 -37.90
N ALA A 336 -8.08 10.58 -37.32
CA ALA A 336 -6.86 10.66 -38.06
C ALA A 336 -6.20 9.32 -38.04
N ALA A 337 -6.20 8.67 -39.19
CA ALA A 337 -5.77 7.32 -39.30
C ALA A 337 -4.28 7.30 -39.52
N VAL A 338 -3.56 6.70 -38.60
CA VAL A 338 -2.13 6.68 -38.60
C VAL A 338 -1.70 5.29 -38.34
N PRO A 339 -0.47 4.96 -38.62
CA PRO A 339 0.00 3.62 -38.34
C PRO A 339 -0.05 3.34 -36.85
N MET A 340 -0.50 2.17 -36.46
CA MET A 340 -0.68 1.88 -35.08
C MET A 340 -0.32 0.50 -34.62
N ILE A 341 0.07 0.39 -33.37
CA ILE A 341 0.22 -0.88 -32.69
C ILE A 341 -0.84 -0.97 -31.62
N ILE A 342 -1.53 -2.09 -31.54
CA ILE A 342 -2.48 -2.29 -30.48
C ILE A 342 -2.38 -3.68 -29.91
N GLY A 343 -2.51 -3.82 -28.61
CA GLY A 343 -2.28 -5.06 -27.94
C GLY A 343 -3.05 -5.16 -26.67
N ASP A 344 -3.06 -6.34 -26.08
CA ASP A 344 -3.73 -6.64 -24.85
C ASP A 344 -2.99 -7.66 -24.02
N GLN A 345 -3.14 -7.58 -22.73
CA GLN A 345 -2.74 -8.64 -21.87
C GLN A 345 -3.81 -9.70 -21.97
N GLU A 346 -3.42 -10.95 -21.88
CA GLU A 346 -4.31 -12.05 -22.14
C GLU A 346 -5.48 -12.03 -21.22
N ASP A 347 -5.29 -11.53 -20.02
CA ASP A 347 -6.31 -11.59 -19.01
C ASP A 347 -6.66 -10.21 -18.46
N GLU A 348 -7.27 -9.38 -19.29
CA GLU A 348 -7.59 -8.00 -18.97
C GLU A 348 -8.58 -7.79 -17.84
N GLY A 349 -9.58 -8.64 -17.72
CA GLY A 349 -10.60 -8.47 -16.73
C GLY A 349 -10.47 -9.07 -15.36
N THR A 350 -9.44 -9.83 -15.09
CA THR A 350 -9.37 -10.52 -13.82
C THR A 350 -9.35 -9.61 -12.62
N LEU A 351 -8.59 -8.54 -12.71
CA LEU A 351 -8.49 -7.55 -11.69
C LEU A 351 -9.82 -6.87 -11.45
N PHE A 352 -10.54 -6.60 -12.50
CA PHE A 352 -11.83 -6.00 -12.41
C PHE A 352 -12.94 -6.88 -11.86
N ALA A 353 -12.75 -8.17 -11.88
CA ALA A 353 -13.75 -9.08 -11.39
C ALA A 353 -13.58 -9.50 -9.96
N VAL A 354 -12.54 -9.04 -9.31
CA VAL A 354 -12.35 -9.36 -7.92
C VAL A 354 -13.39 -8.76 -6.94
N LEU A 355 -13.65 -7.48 -7.03
CA LEU A 355 -14.59 -6.86 -6.14
C LEU A 355 -16.05 -7.27 -6.27
N PRO A 356 -16.57 -7.38 -7.48
CA PRO A 356 -17.97 -7.71 -7.64
C PRO A 356 -18.20 -9.21 -7.55
N ASN A 357 -17.98 -9.75 -6.36
CA ASN A 357 -17.99 -11.16 -6.18
C ASN A 357 -19.33 -11.76 -5.82
N ASN A 358 -20.36 -10.94 -5.80
CA ASN A 358 -21.71 -11.42 -5.73
C ASN A 358 -22.30 -11.65 -7.11
N ILE A 359 -21.55 -11.42 -8.16
CA ILE A 359 -22.03 -11.64 -9.50
C ILE A 359 -21.69 -13.02 -10.01
N THR A 360 -22.53 -13.97 -9.71
CA THR A 360 -22.26 -15.37 -9.94
C THR A 360 -23.09 -16.13 -10.96
N SER A 361 -23.90 -15.46 -11.74
CA SER A 361 -24.79 -16.13 -12.65
C SER A 361 -25.10 -15.29 -13.87
N THR A 362 -25.68 -15.89 -14.89
CA THR A 362 -26.02 -15.16 -16.08
C THR A 362 -27.00 -14.08 -15.71
N ALA A 363 -27.99 -14.42 -14.93
CA ALA A 363 -28.99 -13.48 -14.54
C ALA A 363 -28.42 -12.34 -13.74
N LYS A 364 -27.52 -12.66 -12.83
CA LYS A 364 -26.84 -11.65 -12.06
C LYS A 364 -25.92 -10.72 -12.85
N ILE A 365 -25.19 -11.26 -13.80
CA ILE A 365 -24.32 -10.47 -14.62
C ILE A 365 -25.16 -9.49 -15.40
N VAL A 366 -26.27 -9.96 -15.94
CA VAL A 366 -27.14 -9.12 -16.71
C VAL A 366 -27.74 -8.02 -15.87
N GLN A 367 -28.11 -8.34 -14.65
CA GLN A 367 -28.66 -7.39 -13.74
C GLN A 367 -27.67 -6.32 -13.42
N TYR A 368 -26.45 -6.74 -13.18
CA TYR A 368 -25.35 -5.87 -12.86
C TYR A 368 -25.00 -4.91 -14.01
N PHE A 369 -25.00 -5.40 -15.22
CA PHE A 369 -24.82 -4.55 -16.37
C PHE A 369 -25.95 -3.57 -16.57
N GLN A 370 -27.18 -4.02 -16.45
CA GLN A 370 -28.32 -3.16 -16.60
C GLN A 370 -28.36 -2.08 -15.56
N ASP A 371 -28.07 -2.40 -14.33
CA ASP A 371 -27.97 -1.39 -13.30
C ASP A 371 -26.85 -0.36 -13.42
N LEU A 372 -25.64 -0.79 -13.74
CA LEU A 372 -24.53 0.13 -13.73
C LEU A 372 -23.91 0.53 -15.05
N TYR A 373 -24.03 -0.33 -16.04
CA TYR A 373 -23.22 -0.25 -17.23
C TYR A 373 -23.95 0.24 -18.43
N PHE A 374 -24.80 -0.58 -19.01
CA PHE A 374 -25.39 -0.23 -20.25
C PHE A 374 -26.86 0.08 -20.16
N TYR A 375 -27.19 1.35 -20.29
CA TYR A 375 -28.57 1.79 -20.23
C TYR A 375 -29.35 1.64 -21.52
N ASN A 376 -28.68 1.39 -22.62
CA ASN A 376 -29.33 1.27 -23.92
C ASN A 376 -29.33 -0.14 -24.44
N ALA A 377 -29.17 -1.10 -23.57
CA ALA A 377 -29.28 -2.47 -23.95
C ALA A 377 -30.40 -3.18 -23.22
N THR A 378 -31.16 -3.96 -23.94
CA THR A 378 -32.20 -4.81 -23.40
C THR A 378 -31.69 -6.05 -22.70
N LYS A 379 -32.50 -6.62 -21.85
CA LYS A 379 -32.16 -7.84 -21.16
C LYS A 379 -31.95 -8.99 -22.10
N GLU A 380 -32.73 -9.02 -23.15
CA GLU A 380 -32.59 -10.01 -24.14
C GLU A 380 -31.25 -9.93 -24.83
N GLN A 381 -30.83 -8.75 -25.23
CA GLN A 381 -29.56 -8.57 -25.87
C GLN A 381 -28.35 -8.89 -25.00
N LEU A 382 -28.41 -8.49 -23.75
CA LEU A 382 -27.38 -8.77 -22.80
C LEU A 382 -27.27 -10.23 -22.46
N THR A 383 -28.41 -10.89 -22.31
CA THR A 383 -28.43 -12.29 -21.96
C THR A 383 -27.83 -13.08 -23.09
N ALA A 384 -28.12 -12.67 -24.29
CA ALA A 384 -27.55 -13.27 -25.46
C ALA A 384 -26.05 -13.12 -25.57
N PHE A 385 -25.53 -11.95 -25.29
CA PHE A 385 -24.11 -11.76 -25.26
C PHE A 385 -23.42 -12.56 -24.15
N VAL A 386 -24.00 -12.58 -22.98
CA VAL A 386 -23.42 -13.29 -21.88
C VAL A 386 -23.37 -14.77 -22.13
N ASN A 387 -24.35 -15.29 -22.82
CA ASN A 387 -24.42 -16.72 -23.06
C ASN A 387 -23.41 -17.29 -24.04
N THR A 388 -22.74 -16.41 -24.77
CA THR A 388 -21.62 -16.76 -25.60
C THR A 388 -20.44 -17.13 -24.75
N TYR A 389 -20.53 -16.83 -23.47
CA TYR A 389 -19.52 -17.27 -22.56
C TYR A 389 -19.96 -18.49 -21.80
N PRO A 390 -19.18 -19.54 -21.84
CA PRO A 390 -19.53 -20.74 -21.12
C PRO A 390 -19.43 -20.53 -19.65
N THR A 391 -20.12 -21.37 -18.90
CA THR A 391 -20.07 -21.34 -17.47
C THR A 391 -18.97 -22.24 -16.94
N ASP A 392 -18.40 -23.01 -17.82
CA ASP A 392 -17.34 -23.94 -17.50
C ASP A 392 -16.10 -23.23 -17.01
N ILE A 393 -15.50 -23.73 -15.96
CA ILE A 393 -14.37 -23.10 -15.33
C ILE A 393 -13.18 -22.99 -16.27
N THR A 394 -13.01 -23.97 -17.12
CA THR A 394 -11.95 -24.01 -18.08
C THR A 394 -12.01 -22.90 -19.10
N ALA A 395 -13.20 -22.48 -19.45
CA ALA A 395 -13.41 -21.52 -20.48
C ALA A 395 -12.90 -20.12 -20.18
N GLY A 396 -12.90 -19.74 -18.93
CA GLY A 396 -12.65 -18.40 -18.49
C GLY A 396 -11.25 -17.87 -18.29
N SER A 397 -11.15 -16.74 -17.63
CA SER A 397 -9.93 -16.02 -17.45
C SER A 397 -9.53 -16.03 -16.00
N PRO A 398 -8.29 -16.37 -15.69
CA PRO A 398 -7.20 -16.49 -16.65
C PRO A 398 -7.34 -17.59 -17.66
N PHE A 399 -7.20 -17.25 -18.92
CA PHE A 399 -7.36 -18.20 -19.98
C PHE A 399 -6.33 -19.32 -20.02
N ASN A 400 -6.79 -20.49 -20.41
CA ASN A 400 -6.03 -21.72 -20.49
C ASN A 400 -5.40 -22.19 -19.20
N THR A 401 -6.09 -21.96 -18.11
CA THR A 401 -5.60 -22.39 -16.82
C THR A 401 -6.44 -23.51 -16.24
N GLY A 402 -7.31 -24.07 -17.05
CA GLY A 402 -8.12 -25.17 -16.62
C GLY A 402 -9.01 -24.94 -15.44
N ILE A 403 -8.85 -25.78 -14.45
CA ILE A 403 -9.73 -25.80 -13.32
C ILE A 403 -9.24 -24.90 -12.21
N PHE A 404 -8.09 -24.31 -12.41
CA PHE A 404 -7.54 -23.37 -11.47
C PHE A 404 -7.99 -21.94 -11.55
N ASN A 405 -7.68 -21.22 -10.51
CA ASN A 405 -7.83 -19.78 -10.47
C ASN A 405 -9.25 -19.26 -10.32
N GLU A 406 -10.16 -20.11 -9.90
CA GLU A 406 -11.53 -19.71 -9.75
C GLU A 406 -11.75 -19.16 -8.37
N LEU A 407 -11.63 -17.86 -8.26
CA LEU A 407 -11.59 -17.14 -7.01
C LEU A 407 -12.85 -17.25 -6.22
N TYR A 408 -13.95 -17.10 -6.90
CA TYR A 408 -15.27 -17.35 -6.36
C TYR A 408 -15.99 -17.90 -7.54
N PRO A 409 -17.12 -18.55 -7.36
CA PRO A 409 -17.74 -19.22 -8.50
C PRO A 409 -18.31 -18.25 -9.48
N GLY A 410 -17.91 -18.43 -10.74
CA GLY A 410 -18.16 -17.48 -11.79
C GLY A 410 -17.18 -16.35 -11.99
N PHE A 411 -16.12 -16.31 -11.21
CA PHE A 411 -15.13 -15.27 -11.35
C PHE A 411 -14.45 -15.28 -12.73
N LYS A 412 -14.06 -16.44 -13.19
CA LYS A 412 -13.39 -16.55 -14.44
C LYS A 412 -14.25 -16.13 -15.61
N ARG A 413 -15.52 -16.45 -15.57
CA ARG A 413 -16.44 -16.01 -16.56
C ARG A 413 -16.63 -14.52 -16.56
N LEU A 414 -16.81 -13.93 -15.41
CA LEU A 414 -16.95 -12.50 -15.31
C LEU A 414 -15.71 -11.75 -15.75
N ALA A 415 -14.55 -12.25 -15.42
CA ALA A 415 -13.30 -11.65 -15.83
C ALA A 415 -13.15 -11.65 -17.31
N ALA A 416 -13.54 -12.75 -17.91
CA ALA A 416 -13.51 -12.86 -19.33
C ALA A 416 -14.43 -11.88 -20.00
N ILE A 417 -15.65 -11.75 -19.53
CA ILE A 417 -16.57 -10.81 -20.11
C ILE A 417 -16.14 -9.37 -19.98
N LEU A 418 -15.69 -9.01 -18.81
CA LEU A 418 -15.23 -7.70 -18.55
C LEU A 418 -14.03 -7.41 -19.39
N GLY A 419 -13.16 -8.38 -19.52
CA GLY A 419 -12.00 -8.24 -20.32
C GLY A 419 -12.26 -8.03 -21.79
N ASP A 420 -13.17 -8.79 -22.33
CA ASP A 420 -13.48 -8.69 -23.71
C ASP A 420 -14.20 -7.48 -24.21
N MET A 421 -15.26 -7.10 -23.54
CA MET A 421 -16.07 -5.99 -24.02
C MET A 421 -15.35 -4.68 -23.98
N THR A 422 -14.65 -4.43 -22.89
CA THR A 422 -13.79 -3.30 -22.74
C THR A 422 -12.48 -3.29 -23.55
N PHE A 423 -11.81 -4.43 -23.59
CA PHE A 423 -10.46 -4.50 -24.08
C PHE A 423 -10.23 -5.41 -25.24
N THR A 424 -10.07 -6.69 -25.00
CA THR A 424 -9.60 -7.59 -26.01
C THR A 424 -10.44 -7.79 -27.25
N LEU A 425 -11.72 -7.99 -27.10
CA LEU A 425 -12.63 -8.02 -28.22
C LEU A 425 -12.93 -6.69 -28.87
N ALA A 426 -12.90 -5.64 -28.09
CA ALA A 426 -13.05 -4.32 -28.61
C ALA A 426 -11.92 -3.99 -29.54
N ARG A 427 -10.73 -4.46 -29.21
CA ARG A 427 -9.57 -4.23 -30.02
C ARG A 427 -9.73 -4.85 -31.39
N ARG A 428 -10.23 -6.07 -31.46
CA ARG A 428 -10.51 -6.72 -32.71
C ARG A 428 -11.54 -5.98 -33.53
N ALA A 429 -12.60 -5.50 -32.90
CA ALA A 429 -13.62 -4.75 -33.58
C ALA A 429 -13.12 -3.45 -34.16
N PHE A 430 -12.24 -2.79 -33.44
CA PHE A 430 -11.56 -1.61 -33.90
C PHE A 430 -10.69 -1.90 -35.09
N LEU A 431 -9.94 -2.98 -35.03
CA LEU A 431 -9.08 -3.38 -36.12
C LEU A 431 -9.84 -3.67 -37.37
N GLN A 432 -10.95 -4.34 -37.23
CA GLN A 432 -11.81 -4.62 -38.34
C GLN A 432 -12.40 -3.40 -38.99
N LEU A 433 -12.90 -2.49 -38.21
CA LEU A 433 -13.46 -1.30 -38.77
C LEU A 433 -12.49 -0.43 -39.50
N CYS A 434 -11.29 -0.27 -38.95
CA CYS A 434 -10.24 0.56 -39.52
C CYS A 434 -9.74 0.04 -40.86
N SER A 435 -9.57 -1.25 -40.95
CA SER A 435 -9.19 -1.93 -42.15
C SER A 435 -10.25 -1.76 -43.22
N GLU A 436 -11.50 -1.74 -42.83
CA GLU A 436 -12.55 -1.45 -43.76
C GLU A 436 -12.57 -0.03 -44.31
N VAL A 437 -12.39 0.96 -43.46
CA VAL A 437 -12.40 2.33 -43.90
C VAL A 437 -11.05 2.89 -44.17
N ASN A 438 -10.01 2.31 -43.58
CA ASN A 438 -8.68 2.72 -43.92
C ASN A 438 -7.78 1.53 -44.20
N PRO A 439 -8.03 0.85 -45.31
CA PRO A 439 -7.30 -0.36 -45.68
C PRO A 439 -5.80 -0.18 -45.91
N ASP A 440 -5.41 0.99 -46.36
CA ASP A 440 -4.04 1.26 -46.68
C ASP A 440 -3.23 1.81 -45.52
N VAL A 441 -3.82 1.93 -44.35
CA VAL A 441 -3.09 2.36 -43.19
C VAL A 441 -2.76 1.14 -42.40
N PRO A 442 -1.49 0.84 -42.20
CA PRO A 442 -1.10 -0.38 -41.51
C PRO A 442 -1.33 -0.43 -40.03
N SER A 443 -1.63 -1.61 -39.53
CA SER A 443 -1.76 -1.85 -38.11
C SER A 443 -1.16 -3.17 -37.71
N TRP A 444 -0.63 -3.24 -36.52
CA TRP A 444 -0.05 -4.45 -35.99
C TRP A 444 -0.59 -4.67 -34.58
N SER A 445 -0.90 -5.90 -34.27
CA SER A 445 -1.50 -6.24 -33.00
C SER A 445 -0.88 -7.44 -32.37
N TYR A 446 -1.02 -7.54 -31.08
CA TYR A 446 -0.50 -8.64 -30.36
C TYR A 446 -1.19 -8.89 -29.05
N LEU A 447 -0.91 -10.03 -28.49
CA LEU A 447 -1.45 -10.45 -27.26
C LEU A 447 -0.31 -10.82 -26.33
N ALA A 448 -0.36 -10.38 -25.09
CA ALA A 448 0.73 -10.63 -24.17
C ALA A 448 0.41 -11.72 -23.20
N SER A 449 1.26 -12.70 -23.13
CA SER A 449 1.07 -13.84 -22.27
C SER A 449 2.24 -14.13 -21.37
N TYR A 450 3.08 -13.14 -21.11
CA TYR A 450 4.34 -13.35 -20.42
C TYR A 450 4.21 -13.68 -18.98
N ASP A 451 3.05 -13.51 -18.42
CA ASP A 451 2.87 -13.75 -17.01
C ASP A 451 1.98 -14.91 -16.79
N TYR A 452 1.96 -15.82 -17.73
CA TYR A 452 1.11 -16.95 -17.63
C TYR A 452 1.43 -17.85 -16.45
N GLY A 453 0.38 -18.28 -15.77
CA GLY A 453 0.46 -19.01 -14.56
C GLY A 453 0.45 -18.23 -13.28
N PHE A 454 0.46 -16.92 -13.37
CA PHE A 454 0.35 -16.11 -12.19
C PHE A 454 -1.01 -16.31 -11.55
N PRO A 455 -1.05 -16.51 -10.25
CA PRO A 455 -2.28 -16.99 -9.64
C PRO A 455 -3.40 -16.03 -9.63
N PHE A 456 -4.55 -16.48 -10.08
CA PHE A 456 -5.81 -15.76 -10.09
C PHE A 456 -5.96 -14.66 -11.11
N LEU A 457 -4.90 -13.94 -11.40
CA LEU A 457 -5.00 -12.85 -12.33
C LEU A 457 -4.42 -13.10 -13.70
N GLY A 458 -3.52 -14.06 -13.81
CA GLY A 458 -2.83 -14.34 -15.04
C GLY A 458 -2.01 -13.18 -15.55
N THR A 459 -1.95 -12.99 -16.85
CA THR A 459 -1.30 -11.83 -17.39
C THR A 459 -2.30 -10.71 -17.35
N PHE A 460 -2.36 -10.07 -16.22
CA PHE A 460 -3.35 -9.08 -15.92
C PHE A 460 -3.10 -7.65 -16.38
N HIS A 461 -4.10 -6.82 -16.21
CA HIS A 461 -4.11 -5.45 -16.65
C HIS A 461 -2.98 -4.67 -16.01
N ALA A 462 -2.26 -3.98 -16.87
CA ALA A 462 -1.10 -3.17 -16.51
C ALA A 462 0.17 -3.93 -16.21
N THR A 463 0.21 -5.20 -16.52
CA THR A 463 1.43 -5.99 -16.41
C THR A 463 2.49 -5.55 -17.39
N ASP A 464 2.04 -4.91 -18.45
CA ASP A 464 2.90 -4.32 -19.44
C ASP A 464 3.74 -3.19 -18.92
N ILE A 465 3.29 -2.49 -17.90
CA ILE A 465 4.08 -1.42 -17.34
C ILE A 465 5.35 -1.97 -16.77
N LEU A 466 5.28 -3.09 -16.08
CA LEU A 466 6.49 -3.71 -15.65
C LEU A 466 7.31 -4.39 -16.71
N GLN A 467 6.72 -5.30 -17.43
CA GLN A 467 7.44 -6.06 -18.42
C GLN A 467 7.97 -5.21 -19.56
N VAL A 468 7.18 -4.29 -20.05
CA VAL A 468 7.54 -3.54 -21.22
C VAL A 468 8.05 -2.14 -20.97
N PHE A 469 7.34 -1.33 -20.21
CA PHE A 469 7.84 0.00 -19.93
C PHE A 469 9.13 0.06 -19.09
N TYR A 470 9.21 -0.70 -18.01
CA TYR A 470 10.43 -0.86 -17.25
C TYR A 470 11.28 -2.09 -17.58
N GLY A 471 10.83 -2.95 -18.46
CA GLY A 471 11.59 -4.14 -18.79
C GLY A 471 11.98 -5.09 -17.68
N VAL A 472 11.07 -5.36 -16.78
CA VAL A 472 11.36 -6.23 -15.67
C VAL A 472 10.38 -7.37 -15.77
N LEU A 473 10.82 -8.62 -15.74
CA LEU A 473 12.22 -8.98 -15.75
C LEU A 473 12.75 -8.97 -17.14
N PRO A 474 14.06 -8.84 -17.28
CA PRO A 474 14.66 -8.90 -18.60
C PRO A 474 14.54 -10.30 -19.20
N ASN A 475 13.98 -10.38 -20.39
CA ASN A 475 13.70 -11.65 -20.98
C ASN A 475 13.37 -11.47 -22.43
N TYR A 476 12.83 -12.50 -23.05
CA TYR A 476 12.51 -12.40 -24.43
C TYR A 476 11.45 -11.38 -24.65
N ALA A 477 10.47 -11.38 -23.78
CA ALA A 477 9.34 -10.50 -23.96
C ALA A 477 9.75 -9.06 -23.93
N SER A 478 10.55 -8.68 -22.96
CA SER A 478 10.95 -7.33 -22.84
C SER A 478 11.78 -6.86 -24.01
N GLY A 479 12.74 -7.66 -24.40
CA GLY A 479 13.58 -7.30 -25.49
C GLY A 479 12.86 -7.20 -26.79
N SER A 480 12.06 -8.19 -27.12
CA SER A 480 11.35 -8.10 -28.35
C SER A 480 10.34 -6.98 -28.42
N ILE A 481 9.52 -6.80 -27.42
CA ILE A 481 8.54 -5.73 -27.46
C ILE A 481 9.14 -4.34 -27.50
N GLN A 482 10.12 -4.08 -26.66
CA GLN A 482 10.74 -2.79 -26.60
C GLN A 482 11.36 -2.49 -27.91
N LYS A 483 12.03 -3.48 -28.47
CA LYS A 483 12.64 -3.30 -29.75
C LYS A 483 11.62 -3.04 -30.81
N TYR A 484 10.53 -3.76 -30.79
CA TYR A 484 9.48 -3.52 -31.74
C TYR A 484 8.92 -2.12 -31.62
N TYR A 485 8.71 -1.67 -30.40
CA TYR A 485 8.21 -0.36 -30.15
C TYR A 485 9.17 0.73 -30.55
N ILE A 486 10.43 0.56 -30.23
CA ILE A 486 11.45 1.50 -30.58
C ILE A 486 11.68 1.65 -32.08
N ASN A 487 11.64 0.56 -32.82
CA ASN A 487 11.73 0.61 -34.26
C ASN A 487 10.57 1.36 -34.81
N PHE A 488 9.42 1.10 -34.26
CA PHE A 488 8.23 1.75 -34.69
C PHE A 488 8.26 3.24 -34.47
N VAL A 489 8.79 3.69 -33.35
CA VAL A 489 8.99 5.10 -33.08
C VAL A 489 9.96 5.70 -34.08
N THR A 490 11.07 5.03 -34.29
CA THR A 490 12.05 5.43 -35.28
C THR A 490 11.67 5.36 -36.76
N THR A 491 11.15 4.23 -37.22
CA THR A 491 10.83 4.05 -38.63
C THR A 491 9.38 4.03 -39.08
N GLY A 492 8.43 3.93 -38.16
CA GLY A 492 7.05 3.73 -38.51
C GLY A 492 6.64 2.31 -38.80
N ASP A 493 7.53 1.37 -38.57
CA ASP A 493 7.26 -0.03 -38.74
C ASP A 493 7.92 -0.77 -37.61
N PRO A 494 7.25 -1.69 -36.96
CA PRO A 494 7.86 -2.48 -35.91
C PRO A 494 9.00 -3.39 -36.39
N ASN A 495 9.01 -3.75 -37.65
CA ASN A 495 10.06 -4.58 -38.24
C ASN A 495 11.28 -3.91 -38.89
N LYS A 496 11.27 -2.60 -39.05
CA LYS A 496 12.37 -1.88 -39.65
C LYS A 496 13.18 -1.16 -38.62
N GLY A 497 14.49 -1.24 -38.75
CA GLY A 497 15.40 -0.65 -37.80
C GLY A 497 16.37 -1.67 -37.30
N ALA A 498 16.32 -1.99 -36.03
CA ALA A 498 17.06 -3.07 -35.48
C ALA A 498 16.51 -4.39 -35.96
N ALA A 499 17.36 -5.39 -36.14
CA ALA A 499 16.89 -6.68 -36.62
C ALA A 499 16.04 -7.40 -35.60
N VAL A 500 14.95 -7.98 -36.06
CA VAL A 500 13.98 -8.62 -35.19
C VAL A 500 13.90 -10.09 -35.48
N ASP A 501 13.66 -10.87 -34.45
CA ASP A 501 13.56 -12.30 -34.55
C ASP A 501 12.41 -12.77 -35.40
N ILE A 502 11.22 -12.25 -35.18
CA ILE A 502 10.04 -12.65 -35.90
C ILE A 502 9.43 -11.48 -36.56
N GLN A 503 9.16 -11.57 -37.84
CA GLN A 503 8.50 -10.48 -38.49
C GLN A 503 7.08 -10.41 -37.99
N TRP A 504 6.66 -9.23 -37.61
CA TRP A 504 5.36 -9.07 -37.07
C TRP A 504 4.46 -8.74 -38.22
N PRO A 505 3.48 -9.57 -38.47
CA PRO A 505 2.59 -9.34 -39.59
C PRO A 505 1.63 -8.22 -39.36
N GLN A 506 1.22 -7.56 -40.42
CA GLN A 506 0.12 -6.65 -40.39
C GLN A 506 -1.15 -7.40 -40.16
N TRP A 507 -2.01 -6.86 -39.33
CA TRP A 507 -3.17 -7.59 -38.92
C TRP A 507 -4.09 -7.90 -40.05
N SER A 508 -4.29 -6.95 -40.92
CA SER A 508 -5.29 -7.05 -41.95
C SER A 508 -5.00 -8.04 -43.04
N ALA A 509 -3.78 -8.52 -43.12
CA ALA A 509 -3.46 -9.48 -44.12
C ALA A 509 -4.15 -10.77 -43.91
N LYS A 510 -3.94 -11.35 -42.74
CA LYS A 510 -4.57 -12.60 -42.42
C LYS A 510 -5.29 -12.62 -41.10
N LYS A 511 -5.39 -11.46 -40.47
CA LYS A 511 -5.93 -11.33 -39.14
C LYS A 511 -5.17 -12.13 -38.14
N ASN A 512 -3.87 -12.03 -38.23
CA ASN A 512 -2.96 -12.69 -37.33
C ASN A 512 -2.32 -11.70 -36.41
N ILE A 513 -1.93 -12.14 -35.24
CA ILE A 513 -1.33 -11.30 -34.23
C ILE A 513 -0.14 -11.98 -33.66
N LEU A 514 0.61 -11.28 -32.86
CA LEU A 514 1.74 -11.84 -32.22
C LEU A 514 1.28 -12.23 -30.86
N GLN A 515 1.64 -13.40 -30.38
CA GLN A 515 1.38 -13.72 -29.01
C GLN A 515 2.74 -13.85 -28.39
N ILE A 516 3.01 -13.06 -27.39
CA ILE A 516 4.32 -13.02 -26.81
C ILE A 516 4.39 -13.66 -25.46
N TYR A 517 5.19 -14.69 -25.34
CA TYR A 517 5.42 -15.32 -24.07
C TYR A 517 6.68 -14.76 -23.45
N ALA A 518 6.98 -15.18 -22.25
CA ALA A 518 8.17 -14.74 -21.56
C ALA A 518 9.43 -15.13 -22.28
N THR A 519 9.45 -16.27 -22.93
CA THR A 519 10.64 -16.71 -23.64
C THR A 519 10.54 -16.84 -25.14
N LYS A 520 9.37 -16.58 -25.70
CA LYS A 520 9.15 -16.80 -27.10
C LYS A 520 7.96 -16.07 -27.65
N ALA A 521 7.83 -16.08 -28.95
CA ALA A 521 6.69 -15.49 -29.58
C ALA A 521 6.21 -16.36 -30.72
N VAL A 522 4.94 -16.24 -31.06
CA VAL A 522 4.34 -17.04 -32.08
C VAL A 522 3.35 -16.20 -32.82
N ILE A 523 3.08 -16.51 -34.05
CA ILE A 523 2.01 -15.87 -34.75
C ILE A 523 0.77 -16.71 -34.61
N VAL A 524 -0.37 -16.08 -34.41
CA VAL A 524 -1.61 -16.79 -34.23
C VAL A 524 -2.78 -16.04 -34.80
N ALA A 525 -3.86 -16.74 -35.02
CA ALA A 525 -5.08 -16.10 -35.44
C ALA A 525 -5.79 -15.32 -34.35
N ASP A 526 -6.24 -14.14 -34.69
CA ASP A 526 -7.08 -13.34 -33.86
C ASP A 526 -8.52 -13.72 -34.09
N ASN A 527 -8.87 -14.94 -33.76
CA ASN A 527 -10.21 -15.42 -33.90
C ASN A 527 -10.81 -16.16 -32.74
N PHE A 528 -10.16 -16.13 -31.60
CA PHE A 528 -10.65 -16.78 -30.43
C PHE A 528 -11.90 -16.11 -29.90
N ARG A 529 -12.79 -16.89 -29.28
CA ARG A 529 -14.03 -16.39 -28.72
C ARG A 529 -14.83 -15.63 -29.75
N ALA A 530 -14.96 -16.24 -30.91
CA ALA A 530 -15.54 -15.62 -32.06
C ALA A 530 -16.99 -15.26 -31.93
N LYS A 531 -17.75 -16.08 -31.24
CA LYS A 531 -19.16 -15.81 -31.02
C LYS A 531 -19.38 -14.59 -30.17
N SER A 532 -18.55 -14.43 -29.16
CA SER A 532 -18.55 -13.25 -28.34
C SER A 532 -18.21 -12.03 -29.14
N TYR A 533 -17.18 -12.14 -29.95
CA TYR A 533 -16.72 -11.04 -30.73
C TYR A 533 -17.79 -10.64 -31.67
N GLU A 534 -18.37 -11.60 -32.32
CA GLU A 534 -19.31 -11.32 -33.34
C GLU A 534 -20.55 -10.65 -32.81
N TYR A 535 -21.01 -11.06 -31.65
CA TYR A 535 -22.16 -10.44 -31.08
C TYR A 535 -21.88 -9.00 -30.76
N LEU A 536 -20.75 -8.78 -30.13
CA LEU A 536 -20.35 -7.48 -29.76
C LEU A 536 -20.14 -6.56 -30.95
N TYR A 537 -19.51 -7.07 -31.99
CA TYR A 537 -19.29 -6.32 -33.19
C TYR A 537 -20.56 -5.91 -33.87
N ASN A 538 -21.50 -6.83 -33.95
CA ASN A 538 -22.78 -6.57 -34.56
C ASN A 538 -23.68 -5.66 -33.75
N ASN A 539 -23.42 -5.60 -32.47
CA ASN A 539 -24.19 -4.82 -31.56
C ASN A 539 -23.47 -3.73 -30.79
N TRP A 540 -22.41 -3.16 -31.31
CA TRP A 540 -21.50 -2.37 -30.50
C TRP A 540 -22.19 -1.24 -29.80
N GLY A 541 -23.20 -0.67 -30.43
CA GLY A 541 -23.91 0.46 -29.91
C GLY A 541 -24.62 0.29 -28.59
N ILE A 542 -25.07 -0.91 -28.28
CA ILE A 542 -25.80 -1.14 -27.07
C ILE A 542 -24.92 -1.03 -25.84
N PHE A 543 -23.62 -1.10 -26.05
CA PHE A 543 -22.66 -1.16 -24.97
C PHE A 543 -22.09 0.18 -24.62
N ARG A 544 -22.74 1.24 -25.03
CA ARG A 544 -22.33 2.57 -24.67
C ARG A 544 -22.48 2.73 -23.19
N ILE A 545 -21.43 3.18 -22.56
CA ILE A 545 -21.37 3.27 -21.14
C ILE A 545 -21.62 4.71 -20.75
N THR B 9 34.89 3.60 4.53
CA THR B 9 33.93 3.89 5.57
C THR B 9 33.22 2.60 5.88
N THR B 10 33.85 1.78 6.69
CA THR B 10 33.39 0.43 6.92
C THR B 10 34.03 0.03 8.22
N VAL B 11 33.46 -0.97 8.88
CA VAL B 11 33.89 -1.44 10.18
C VAL B 11 33.24 -2.79 10.41
N ASN B 12 33.66 -3.62 11.36
CA ASN B 12 34.99 -3.92 11.78
C ASN B 12 35.02 -5.09 12.81
N VAL B 13 34.02 -5.16 13.69
CA VAL B 13 34.01 -5.89 15.00
C VAL B 13 34.19 -7.41 15.13
N ASN B 14 34.95 -7.78 16.17
CA ASN B 14 35.25 -9.17 16.49
C ASN B 14 34.62 -9.57 17.82
N TYR B 15 34.00 -10.72 17.86
CA TYR B 15 33.27 -11.13 19.07
C TYR B 15 33.32 -12.63 19.28
N PRO B 16 32.89 -13.10 20.45
CA PRO B 16 33.11 -14.49 20.84
C PRO B 16 32.49 -15.49 19.90
N GLU B 17 31.31 -15.21 19.38
CA GLU B 17 30.72 -15.97 18.28
C GLU B 17 31.43 -15.83 16.91
N GLY B 18 31.90 -14.63 16.61
CA GLY B 18 32.30 -14.25 15.27
C GLY B 18 32.77 -12.81 15.15
N GLU B 19 32.85 -12.32 13.92
CA GLU B 19 33.34 -11.00 13.65
C GLU B 19 32.44 -10.40 12.60
N VAL B 20 32.31 -9.08 12.57
CA VAL B 20 31.32 -8.48 11.70
C VAL B 20 31.78 -7.23 10.95
N VAL B 21 31.11 -6.94 9.85
CA VAL B 21 31.42 -5.75 9.10
C VAL B 21 30.25 -4.81 8.96
N GLY B 22 30.46 -3.56 9.31
CA GLY B 22 29.40 -2.58 9.30
C GLY B 22 29.85 -1.37 8.52
N VAL B 23 28.90 -0.53 8.13
CA VAL B 23 29.20 0.67 7.39
C VAL B 23 28.79 1.86 8.24
N SER B 24 29.65 2.87 8.31
CA SER B 24 29.37 4.05 9.10
C SER B 24 29.06 5.22 8.19
N VAL B 25 27.96 5.89 8.48
CA VAL B 25 27.62 7.08 7.77
C VAL B 25 27.18 8.13 8.75
N LEU B 26 27.73 9.32 8.62
CA LEU B 26 27.29 10.44 9.40
C LEU B 26 27.28 10.18 10.91
N GLY B 27 28.29 9.48 11.40
CA GLY B 27 28.46 9.24 12.82
C GLY B 27 27.81 8.01 13.40
N ILE B 28 27.12 7.25 12.55
CA ILE B 28 26.50 6.00 13.00
C ILE B 28 27.03 4.81 12.21
N GLU B 29 27.51 3.82 12.93
CA GLU B 29 28.01 2.62 12.31
C GLU B 29 26.98 1.55 12.59
N SER B 30 26.49 0.93 11.55
CA SER B 30 25.39 0.02 11.71
C SER B 30 25.67 -1.35 11.14
N PHE B 31 25.43 -2.37 11.94
CA PHE B 31 25.49 -3.74 11.48
C PHE B 31 24.09 -4.30 11.42
N ARG B 32 23.70 -4.77 10.26
CA ARG B 32 22.36 -5.23 10.07
C ARG B 32 22.28 -6.71 9.78
N GLY B 33 21.39 -7.38 10.50
CA GLY B 33 21.19 -8.79 10.31
C GLY B 33 22.28 -9.67 10.83
N VAL B 34 22.92 -9.25 11.91
CA VAL B 34 23.90 -10.08 12.56
C VAL B 34 23.21 -11.30 13.12
N PRO B 35 23.77 -12.47 12.93
CA PRO B 35 23.14 -13.69 13.39
C PRO B 35 23.15 -13.72 14.88
N PHE B 36 22.07 -14.17 15.47
CA PHE B 36 22.06 -14.37 16.89
C PHE B 36 21.62 -15.74 17.28
N ALA B 37 21.11 -16.49 16.32
CA ALA B 37 20.67 -17.84 16.59
C ALA B 37 20.64 -18.69 15.36
N GLN B 38 20.52 -19.99 15.55
CA GLN B 38 20.53 -20.91 14.44
C GLN B 38 19.26 -20.72 13.63
N PRO B 39 19.34 -20.77 12.31
CA PRO B 39 18.15 -20.52 11.52
C PRO B 39 17.16 -21.62 11.76
N PRO B 40 15.97 -21.29 12.21
CA PRO B 40 15.03 -22.30 12.68
C PRO B 40 14.28 -22.88 11.53
N VAL B 41 14.99 -23.73 10.81
CA VAL B 41 14.55 -24.30 9.57
C VAL B 41 14.74 -25.78 9.69
N GLY B 42 14.22 -26.52 8.74
CA GLY B 42 14.29 -27.95 8.79
C GLY B 42 13.62 -28.37 10.06
N ASN B 43 14.28 -29.21 10.83
CA ASN B 43 13.74 -29.71 12.10
C ASN B 43 13.64 -28.67 13.21
N LEU B 44 14.47 -27.64 13.10
CA LEU B 44 14.53 -26.55 14.05
C LEU B 44 13.30 -25.65 13.93
N ARG B 45 12.55 -25.86 12.87
CA ARG B 45 11.34 -25.12 12.71
C ARG B 45 10.49 -25.57 13.85
N LEU B 46 9.71 -24.66 14.38
CA LEU B 46 8.77 -24.95 15.42
C LEU B 46 9.49 -25.53 16.61
N LYS B 47 10.65 -25.00 16.91
CA LYS B 47 11.32 -25.43 18.10
C LYS B 47 12.14 -24.29 18.65
N PRO B 48 12.51 -24.33 19.90
CA PRO B 48 13.16 -23.19 20.50
C PRO B 48 14.46 -22.88 19.79
N PRO B 49 14.88 -21.64 19.80
CA PRO B 49 16.09 -21.26 19.10
C PRO B 49 17.26 -21.82 19.82
N VAL B 50 18.40 -21.93 19.16
CA VAL B 50 19.63 -22.38 19.78
C VAL B 50 20.78 -21.42 19.48
N ARG B 51 21.54 -21.05 20.50
CA ARG B 51 22.60 -20.08 20.31
C ARG B 51 23.68 -20.76 19.50
N TYR B 52 24.47 -20.00 18.74
CA TYR B 52 25.43 -20.65 17.86
C TYR B 52 26.56 -21.24 18.73
N THR B 53 26.75 -22.56 18.67
CA THR B 53 27.87 -23.22 19.33
C THR B 53 29.25 -22.87 18.76
N GLU B 54 29.37 -22.87 17.45
CA GLU B 54 30.67 -22.74 16.80
C GLU B 54 30.82 -21.48 15.99
N ASN B 55 31.94 -20.81 16.15
CA ASN B 55 32.11 -19.46 15.68
C ASN B 55 31.83 -19.42 14.22
N ILE B 56 31.04 -18.44 13.81
CA ILE B 56 30.54 -18.32 12.44
C ILE B 56 31.44 -17.47 11.56
N GLY B 57 32.61 -17.14 12.04
CA GLY B 57 33.51 -16.36 11.24
C GLY B 57 32.96 -15.02 10.81
N THR B 58 33.16 -14.68 9.56
CA THR B 58 32.90 -13.33 9.11
C THR B 58 31.81 -13.19 8.08
N LYS B 59 30.90 -12.26 8.35
CA LYS B 59 29.79 -11.93 7.48
C LYS B 59 29.62 -10.42 7.25
N ASP B 60 29.14 -10.07 6.07
CA ASP B 60 28.82 -8.69 5.76
C ASP B 60 27.43 -8.38 6.27
N THR B 61 27.32 -7.32 7.04
CA THR B 61 26.05 -6.78 7.47
C THR B 61 25.93 -5.36 6.99
N THR B 62 26.66 -5.11 5.91
CA THR B 62 26.61 -3.89 5.15
C THR B 62 25.22 -3.74 4.53
N GLY B 63 24.52 -4.85 4.44
CA GLY B 63 23.26 -4.94 3.74
C GLY B 63 22.01 -4.58 4.52
N ILE B 64 20.89 -5.12 4.06
CA ILE B 64 19.65 -5.00 4.74
C ILE B 64 19.34 -6.37 5.26
N GLY B 65 18.87 -6.42 6.49
CA GLY B 65 18.63 -7.67 7.13
C GLY B 65 17.38 -8.30 6.58
N PRO B 66 17.13 -9.53 6.97
CA PRO B 66 15.93 -10.25 6.59
C PRO B 66 14.74 -9.90 7.48
N SER B 67 13.65 -10.62 7.33
CA SER B 67 12.53 -10.47 8.19
C SER B 67 12.11 -11.88 8.34
N CYS B 68 11.46 -12.19 9.44
CA CYS B 68 10.95 -13.53 9.60
C CYS B 68 9.67 -13.60 8.78
N PRO B 69 9.05 -14.74 8.61
CA PRO B 69 7.91 -14.76 7.69
C PRO B 69 6.72 -13.93 8.19
N GLN B 70 6.24 -13.01 7.35
CA GLN B 70 5.15 -12.12 7.68
C GLN B 70 3.77 -12.69 7.55
N MET B 71 2.83 -12.08 8.23
CA MET B 71 1.43 -12.36 8.01
C MET B 71 0.66 -11.05 7.90
N TYR B 72 0.80 -10.36 6.79
CA TYR B 72 0.10 -9.13 6.57
C TYR B 72 -1.37 -9.37 6.50
N LEU B 73 -1.76 -10.44 5.85
CA LEU B 73 -3.16 -10.76 5.67
C LEU B 73 -3.43 -12.25 5.64
N SER B 74 -4.60 -12.63 6.07
CA SER B 74 -4.99 -14.02 6.05
C SER B 74 -5.14 -14.56 4.63
N THR B 75 -4.68 -15.78 4.43
CA THR B 75 -4.84 -16.44 3.17
C THR B 75 -6.15 -17.18 3.14
N GLY B 76 -6.74 -17.37 4.30
CA GLY B 76 -7.95 -18.13 4.38
C GLY B 76 -9.19 -17.47 4.94
N ASN B 77 -9.04 -16.30 5.49
CA ASN B 77 -10.12 -15.65 6.18
C ASN B 77 -10.21 -14.21 5.76
N GLY B 78 -11.31 -13.55 6.07
CA GLY B 78 -11.53 -12.18 5.66
C GLY B 78 -12.27 -12.04 4.36
N GLU B 79 -12.42 -10.81 3.89
CA GLU B 79 -13.07 -10.52 2.62
C GLU B 79 -12.17 -10.97 1.49
N LEU B 80 -12.76 -11.23 0.35
CA LEU B 80 -12.10 -11.92 -0.73
C LEU B 80 -10.87 -11.28 -1.32
N LEU B 81 -10.88 -9.96 -1.44
CA LEU B 81 -9.76 -9.22 -1.91
C LEU B 81 -8.59 -9.35 -0.98
N PHE B 82 -8.83 -9.31 0.30
CA PHE B 82 -7.79 -9.52 1.26
C PHE B 82 -7.20 -10.90 1.26
N GLN B 83 -8.01 -11.90 1.08
CA GLN B 83 -7.52 -13.22 0.96
C GLN B 83 -6.67 -13.34 -0.27
N LEU B 84 -7.09 -12.71 -1.36
CA LEU B 84 -6.35 -12.80 -2.58
C LEU B 84 -4.99 -12.16 -2.47
N VAL B 85 -4.93 -11.00 -1.86
CA VAL B 85 -3.69 -10.34 -1.66
C VAL B 85 -2.80 -11.14 -0.73
N GLY B 86 -3.38 -11.75 0.27
CA GLY B 86 -2.63 -12.54 1.20
C GLY B 86 -1.92 -13.73 0.60
N ASN B 87 -2.59 -14.44 -0.29
CA ASN B 87 -2.00 -15.50 -1.07
C ASN B 87 -0.92 -15.05 -2.03
N LEU B 88 -1.15 -13.96 -2.72
CA LEU B 88 -0.19 -13.48 -3.69
C LEU B 88 1.12 -13.05 -3.08
N ILE B 89 1.09 -12.30 -1.99
CA ILE B 89 2.31 -11.79 -1.43
C ILE B 89 3.14 -12.93 -0.92
N ASN B 90 2.47 -14.03 -0.71
CA ASN B 90 3.08 -15.23 -0.19
C ASN B 90 3.95 -15.95 -1.19
N ILE B 91 3.86 -15.58 -2.45
CA ILE B 91 4.64 -16.28 -3.42
C ILE B 91 6.10 -15.93 -3.41
N PRO B 92 6.93 -16.82 -3.90
CA PRO B 92 8.34 -16.77 -3.64
C PRO B 92 8.99 -15.50 -4.11
N LEU B 93 8.58 -14.99 -5.23
CA LEU B 93 9.22 -13.82 -5.72
C LEU B 93 9.00 -12.69 -4.75
N PHE B 94 7.80 -12.58 -4.22
CA PHE B 94 7.51 -11.52 -3.29
C PHE B 94 8.30 -11.63 -2.00
N GLN B 95 8.41 -12.82 -1.44
CA GLN B 95 9.18 -12.96 -0.25
C GLN B 95 10.63 -12.59 -0.47
N THR B 96 11.16 -13.06 -1.59
CA THR B 96 12.54 -12.83 -1.94
C THR B 96 12.79 -11.37 -2.16
N ALA B 97 11.82 -10.72 -2.75
CA ALA B 97 11.95 -9.33 -3.06
C ALA B 97 12.07 -8.61 -1.77
N THR B 98 11.38 -9.10 -0.77
CA THR B 98 11.38 -8.47 0.54
C THR B 98 12.26 -9.12 1.59
N LEU B 99 13.04 -10.11 1.18
CA LEU B 99 13.95 -10.82 2.08
C LEU B 99 13.36 -11.53 3.30
N SER B 100 12.28 -12.26 3.12
CA SER B 100 11.64 -12.89 4.24
C SER B 100 11.77 -14.40 4.17
N SER B 101 12.33 -15.00 5.21
CA SER B 101 12.59 -16.42 5.20
C SER B 101 12.56 -16.98 6.59
N GLU B 102 12.51 -18.29 6.70
CA GLU B 102 12.53 -18.92 7.99
C GLU B 102 13.84 -18.51 8.65
N ASP B 103 14.76 -18.03 7.85
CA ASP B 103 16.07 -17.67 8.31
C ASP B 103 16.04 -16.25 8.78
N CYS B 104 15.36 -16.00 9.88
CA CYS B 104 15.20 -14.63 10.38
C CYS B 104 15.92 -14.17 11.65
N LEU B 105 16.57 -15.06 12.40
CA LEU B 105 17.01 -14.67 13.72
C LEU B 105 18.31 -13.91 13.72
N THR B 106 18.22 -12.65 13.38
CA THR B 106 19.34 -11.82 13.09
C THR B 106 19.04 -10.57 13.87
N LEU B 107 19.98 -9.65 13.92
CA LEU B 107 19.69 -8.44 14.63
C LEU B 107 20.53 -7.32 14.13
N ASN B 108 20.21 -6.12 14.58
CA ASN B 108 20.81 -4.94 14.06
C ASN B 108 21.46 -4.22 15.20
N ILE B 109 22.65 -3.67 14.99
CA ILE B 109 23.34 -2.89 16.01
C ILE B 109 23.78 -1.55 15.45
N GLN B 110 23.43 -0.45 16.08
CA GLN B 110 23.81 0.84 15.55
C GLN B 110 24.49 1.72 16.58
N ARG B 111 25.65 2.24 16.25
CA ARG B 111 26.46 2.96 17.23
C ARG B 111 26.91 4.32 16.73
N PRO B 112 27.33 5.15 17.66
CA PRO B 112 27.60 6.57 17.41
C PRO B 112 28.71 6.84 16.41
N ALA B 113 29.69 5.96 16.33
CA ALA B 113 30.88 6.13 15.50
C ALA B 113 32.16 6.28 16.34
N GLY B 114 33.06 5.33 16.17
CA GLY B 114 34.32 5.30 16.87
C GLY B 114 34.27 4.53 18.17
N THR B 115 33.08 4.10 18.54
CA THR B 115 32.92 3.42 19.80
C THR B 115 33.74 2.17 19.69
N THR B 116 34.23 1.71 20.83
CA THR B 116 35.24 0.66 20.90
C THR B 116 34.99 -0.26 22.06
N SER B 117 35.81 -1.29 22.19
CA SER B 117 35.59 -2.35 23.15
C SER B 117 35.57 -1.79 24.55
N ASN B 118 36.23 -0.66 24.79
CA ASN B 118 36.16 -0.04 26.11
C ASN B 118 35.08 0.99 26.27
N SER B 119 34.31 1.24 25.21
CA SER B 119 33.35 2.34 25.23
C SER B 119 32.22 2.18 26.26
N SER B 120 31.81 0.95 26.50
CA SER B 120 30.94 0.61 27.63
C SER B 120 29.66 1.42 27.71
N LEU B 121 29.02 1.67 26.57
CA LEU B 121 27.77 2.41 26.56
C LEU B 121 26.58 1.59 27.05
N PRO B 122 25.52 2.25 27.46
CA PRO B 122 24.25 1.60 27.82
C PRO B 122 23.53 1.01 26.62
N VAL B 123 22.65 0.06 26.85
CA VAL B 123 21.99 -0.59 25.75
C VAL B 123 20.51 -0.32 25.65
N LEU B 124 20.09 0.04 24.43
CA LEU B 124 18.69 0.18 24.06
C LEU B 124 18.33 -0.92 23.08
N PHE B 125 17.44 -1.79 23.52
CA PHE B 125 17.07 -3.00 22.84
C PHE B 125 15.59 -2.96 22.43
N TRP B 126 15.33 -2.66 21.17
CA TRP B 126 13.96 -2.58 20.61
C TRP B 126 13.27 -3.90 20.24
N ILE B 127 11.99 -4.01 20.55
CA ILE B 127 11.17 -5.10 20.05
C ILE B 127 9.94 -4.58 19.29
N PHE B 128 9.87 -4.89 18.01
CA PHE B 128 8.85 -4.36 17.12
C PHE B 128 7.51 -4.98 17.43
N GLY B 129 6.46 -4.28 17.06
CA GLY B 129 5.12 -4.80 17.24
C GLY B 129 4.34 -4.94 15.96
N GLY B 130 3.72 -6.08 15.79
CA GLY B 130 2.89 -6.32 14.65
C GLY B 130 1.73 -7.18 15.07
N GLY B 131 1.38 -7.11 16.33
CA GLY B 131 0.30 -7.94 16.82
C GLY B 131 0.64 -9.39 16.68
N PHE B 132 1.92 -9.69 16.71
CA PHE B 132 2.38 -11.05 16.84
C PHE B 132 2.16 -11.80 15.54
N GLU B 133 1.80 -11.06 14.51
CA GLU B 133 1.59 -11.62 13.21
C GLU B 133 2.53 -11.10 12.16
N LEU B 134 3.14 -9.96 12.44
CA LEU B 134 3.98 -9.31 11.48
C LEU B 134 4.93 -8.35 12.14
N GLY B 135 5.74 -7.71 11.34
CA GLY B 135 6.73 -6.79 11.83
C GLY B 135 8.14 -7.30 11.65
N THR B 136 9.11 -6.42 11.63
CA THR B 136 10.47 -6.80 11.45
C THR B 136 11.30 -5.61 11.84
N ASN B 137 12.61 -5.77 11.94
CA ASN B 137 13.49 -4.64 12.24
C ASN B 137 13.93 -3.85 11.03
N GLN B 138 13.40 -4.19 9.88
CA GLN B 138 13.85 -3.62 8.63
C GLN B 138 13.67 -2.13 8.52
N TYR B 139 12.52 -1.63 8.95
CA TYR B 139 12.21 -0.22 8.79
C TYR B 139 12.28 0.63 10.05
N TYR B 140 12.66 0.04 11.14
CA TYR B 140 12.90 0.82 12.31
C TYR B 140 14.35 1.18 12.32
N ASP B 141 14.65 2.35 11.80
CA ASP B 141 16.03 2.78 11.73
C ASP B 141 16.36 3.68 12.89
N GLY B 142 17.42 3.32 13.57
CA GLY B 142 17.81 3.94 14.81
C GLY B 142 18.35 5.35 14.73
N ILE B 143 18.52 5.88 13.53
CA ILE B 143 19.45 6.96 13.31
C ILE B 143 19.28 8.31 14.04
N ASP B 144 18.20 9.04 13.91
CA ASP B 144 18.21 10.33 14.59
C ASP B 144 17.73 10.22 16.00
N LEU B 145 17.21 9.07 16.35
CA LEU B 145 17.01 8.71 17.73
C LEU B 145 18.34 8.58 18.46
N LEU B 146 19.26 7.81 17.88
CA LEU B 146 20.62 7.74 18.36
C LEU B 146 21.26 9.08 18.17
N THR B 147 20.89 9.77 17.11
CA THR B 147 21.47 11.07 16.83
C THR B 147 21.18 12.07 17.92
N GLU B 148 19.95 12.09 18.42
CA GLU B 148 19.63 12.99 19.50
C GLU B 148 20.44 12.65 20.74
N GLY B 149 20.68 11.37 20.98
CA GLY B 149 21.37 10.98 22.18
C GLY B 149 22.78 11.56 22.19
N ILE B 150 23.40 11.44 21.03
CA ILE B 150 24.62 12.14 20.69
C ILE B 150 24.43 13.65 20.57
N SER B 151 23.31 14.09 20.02
CA SER B 151 23.15 15.47 19.64
C SER B 151 23.35 16.30 20.86
N LEU B 152 23.05 15.69 21.99
CA LEU B 152 23.51 16.13 23.28
C LEU B 152 23.29 15.06 24.35
N GLY B 153 23.71 15.31 25.56
CA GLY B 153 23.46 14.33 26.57
C GLY B 153 24.11 12.97 26.34
N GLU B 154 23.30 11.93 26.25
CA GLU B 154 23.79 10.59 26.50
C GLU B 154 23.79 9.63 25.31
N PRO B 155 24.96 9.20 24.92
CA PRO B 155 25.12 8.23 23.84
C PRO B 155 24.76 6.83 24.27
N PHE B 156 24.28 6.01 23.33
CA PHE B 156 23.92 4.65 23.65
C PHE B 156 24.10 3.72 22.47
N ILE B 157 23.98 2.43 22.73
CA ILE B 157 23.96 1.44 21.68
C ILE B 157 22.50 1.14 21.41
N PHE B 158 22.14 0.90 20.15
CA PHE B 158 20.79 0.54 19.77
C PHE B 158 20.71 -0.86 19.21
N VAL B 159 19.78 -1.64 19.69
CA VAL B 159 19.64 -2.99 19.21
C VAL B 159 18.23 -3.31 18.74
N ALA B 160 18.08 -3.77 17.51
CA ALA B 160 16.79 -4.16 16.96
C ALA B 160 16.77 -5.59 16.54
N ILE B 161 15.82 -6.35 17.05
CA ILE B 161 15.78 -7.78 16.84
C ILE B 161 14.62 -8.25 16.00
N ASN B 162 14.74 -9.44 15.48
CA ASN B 162 13.71 -10.05 14.68
C ASN B 162 13.23 -11.22 15.50
N TYR B 163 11.95 -11.55 15.49
CA TYR B 163 11.47 -12.78 16.12
C TYR B 163 10.24 -13.38 15.46
N ARG B 164 10.06 -14.68 15.58
CA ARG B 164 9.02 -15.38 14.85
C ARG B 164 7.60 -14.97 15.20
N VAL B 165 6.77 -14.80 14.17
CA VAL B 165 5.41 -14.37 14.34
C VAL B 165 4.47 -15.35 13.71
N GLY B 166 3.20 -15.22 14.02
CA GLY B 166 2.19 -16.09 13.50
C GLY B 166 2.43 -17.51 13.91
N GLY B 167 2.34 -18.40 12.95
CA GLY B 167 2.53 -19.81 13.14
C GLY B 167 3.92 -20.17 13.59
N PHE B 168 4.89 -19.48 13.05
CA PHE B 168 6.25 -19.78 13.39
C PHE B 168 6.57 -19.54 14.83
N GLY B 169 6.26 -18.34 15.27
CA GLY B 169 6.39 -17.89 16.64
C GLY B 169 5.49 -18.41 17.75
N PHE B 170 4.22 -18.56 17.44
CA PHE B 170 3.25 -18.78 18.47
C PHE B 170 2.16 -19.78 18.17
N LEU B 171 2.50 -20.86 17.49
CA LEU B 171 1.53 -21.92 17.31
C LEU B 171 1.29 -22.63 18.63
N GLY B 172 0.08 -23.13 18.76
CA GLY B 172 -0.47 -23.51 20.03
C GLY B 172 -1.13 -24.85 20.03
N GLY B 173 -1.53 -25.27 21.22
CA GLY B 173 -2.25 -26.51 21.44
C GLY B 173 -1.42 -27.65 21.94
N LYS B 174 -2.10 -28.53 22.64
CA LYS B 174 -1.68 -29.89 22.92
C LYS B 174 -0.26 -30.21 22.55
N GLU B 175 -0.08 -30.50 21.27
CA GLU B 175 1.12 -31.05 20.70
C GLU B 175 2.32 -30.14 20.85
N ILE B 176 2.11 -28.86 20.68
CA ILE B 176 3.21 -27.95 20.85
C ILE B 176 3.61 -28.02 22.30
N LYS B 177 2.61 -28.15 23.16
CA LYS B 177 2.80 -28.07 24.59
C LYS B 177 3.66 -29.18 25.12
N ALA B 178 3.38 -30.38 24.65
CA ALA B 178 4.10 -31.55 25.10
C ALA B 178 5.56 -31.39 24.72
N ASP B 179 5.80 -30.88 23.52
CA ASP B 179 7.13 -30.71 23.01
C ASP B 179 7.88 -29.60 23.72
N GLY B 180 7.20 -28.88 24.60
CA GLY B 180 7.76 -27.69 25.18
C GLY B 180 8.08 -26.71 24.08
N SER B 181 7.21 -26.68 23.09
CA SER B 181 7.42 -25.87 21.92
C SER B 181 6.57 -24.62 21.91
N SER B 182 6.08 -24.26 23.07
CA SER B 182 5.27 -23.08 23.21
C SER B 182 6.06 -21.78 23.10
N ASN B 183 5.40 -20.73 22.64
CA ASN B 183 5.84 -19.34 22.78
C ASN B 183 7.24 -19.04 22.28
N LEU B 184 7.53 -19.58 21.11
CA LEU B 184 8.84 -19.49 20.52
C LEU B 184 9.31 -18.08 20.26
N GLY B 185 8.39 -17.19 19.91
CA GLY B 185 8.75 -15.82 19.64
C GLY B 185 9.32 -15.18 20.87
N LEU B 186 8.75 -15.54 22.00
CA LEU B 186 9.20 -15.08 23.29
C LEU B 186 10.59 -15.58 23.58
N LEU B 187 10.82 -16.85 23.30
CA LEU B 187 12.11 -17.46 23.49
C LEU B 187 13.15 -16.82 22.60
N ASP B 188 12.73 -16.43 21.42
CA ASP B 188 13.62 -15.77 20.52
C ASP B 188 14.05 -14.49 21.14
N GLN B 189 13.11 -13.82 21.75
CA GLN B 189 13.42 -12.55 22.35
C GLN B 189 14.39 -12.76 23.47
N ARG B 190 14.16 -13.80 24.25
CA ARG B 190 15.06 -14.12 25.37
C ARG B 190 16.46 -14.48 24.96
N ILE B 191 16.59 -15.34 23.96
CA ILE B 191 17.88 -15.74 23.44
C ILE B 191 18.65 -14.57 22.82
N ALA B 192 17.94 -13.62 22.26
CA ALA B 192 18.55 -12.43 21.73
C ALA B 192 19.18 -11.66 22.84
N LEU B 193 18.49 -11.63 23.96
CA LEU B 193 18.93 -10.93 25.14
C LEU B 193 20.18 -11.54 25.71
N GLU B 194 20.20 -12.85 25.78
CA GLU B 194 21.33 -13.57 26.30
C GLU B 194 22.54 -13.31 25.43
N TRP B 195 22.32 -13.24 24.13
CA TRP B 195 23.36 -12.97 23.20
C TRP B 195 23.94 -11.61 23.55
N VAL B 196 23.09 -10.70 23.96
CA VAL B 196 23.53 -9.40 24.36
C VAL B 196 24.44 -9.50 25.57
N ALA B 197 24.13 -10.40 26.50
CA ALA B 197 24.98 -10.53 27.67
C ALA B 197 26.38 -10.99 27.31
N ASP B 198 26.45 -12.01 26.50
CA ASP B 198 27.69 -12.49 25.96
C ASP B 198 28.48 -11.62 25.00
N ASN B 199 27.81 -11.03 24.03
CA ASN B 199 28.52 -10.46 22.93
C ASN B 199 28.50 -8.97 22.81
N ILE B 200 27.51 -8.34 23.43
CA ILE B 200 27.32 -6.92 23.20
C ILE B 200 28.52 -6.15 23.67
N ALA B 201 29.22 -6.75 24.62
CA ALA B 201 30.38 -6.15 25.25
C ALA B 201 31.49 -5.91 24.24
N SER B 202 31.67 -6.82 23.31
CA SER B 202 32.64 -6.64 22.26
C SER B 202 32.28 -5.40 21.46
N PHE B 203 31.01 -5.05 21.47
CA PHE B 203 30.56 -3.95 20.65
C PHE B 203 30.66 -2.63 21.38
N GLY B 204 31.19 -2.66 22.59
CA GLY B 204 31.29 -1.44 23.38
C GLY B 204 30.01 -1.13 24.12
N GLY B 205 29.19 -2.16 24.28
CA GLY B 205 28.04 -2.09 25.14
C GLY B 205 28.33 -2.36 26.60
N ASP B 206 27.46 -1.86 27.47
CA ASP B 206 27.54 -2.25 28.84
C ASP B 206 26.46 -3.27 29.06
N PRO B 207 26.79 -4.50 29.39
CA PRO B 207 25.73 -5.45 29.71
C PRO B 207 25.08 -5.08 31.06
N SER B 208 23.81 -5.38 31.20
CA SER B 208 23.05 -5.05 32.41
C SER B 208 23.14 -3.58 32.76
N LYS B 209 23.22 -2.78 31.72
CA LYS B 209 22.66 -1.47 31.62
C LYS B 209 21.71 -1.56 30.44
N VAL B 210 20.99 -2.67 30.39
CA VAL B 210 20.12 -2.93 29.25
C VAL B 210 18.65 -2.62 29.52
N THR B 211 18.10 -1.67 28.78
CA THR B 211 16.67 -1.32 28.79
C THR B 211 15.90 -1.78 27.54
N ILE B 212 14.82 -2.49 27.78
CA ILE B 212 14.01 -3.06 26.71
C ILE B 212 12.77 -2.23 26.37
N TRP B 213 12.63 -1.92 25.09
CA TRP B 213 11.61 -1.03 24.54
C TRP B 213 10.78 -1.80 23.54
N GLY B 214 9.47 -1.65 23.60
CA GLY B 214 8.58 -2.34 22.70
C GLY B 214 7.31 -1.57 22.43
N GLU B 215 6.70 -1.81 21.29
CA GLU B 215 5.46 -1.14 20.92
C GLU B 215 4.44 -2.17 20.49
N SER B 216 3.20 -2.02 20.90
CA SER B 216 2.17 -2.99 20.58
C SER B 216 2.56 -4.37 21.09
N ALA B 217 2.77 -5.28 20.17
CA ALA B 217 3.21 -6.60 20.50
C ALA B 217 4.58 -6.52 21.14
N GLY B 218 5.36 -5.53 20.76
CA GLY B 218 6.64 -5.31 21.36
C GLY B 218 6.55 -4.94 22.81
N SER B 219 5.62 -4.06 23.12
CA SER B 219 5.35 -3.65 24.47
C SER B 219 4.82 -4.79 25.32
N ILE B 220 3.90 -5.56 24.79
CA ILE B 220 3.34 -6.68 25.48
C ILE B 220 4.45 -7.66 25.77
N SER B 221 5.38 -7.73 24.83
CA SER B 221 6.57 -8.54 24.92
C SER B 221 7.52 -8.13 26.02
N VAL B 222 7.68 -6.83 26.22
CA VAL B 222 8.56 -6.34 27.24
C VAL B 222 8.06 -6.86 28.57
N PHE B 223 6.77 -6.75 28.81
CA PHE B 223 6.24 -7.29 30.02
C PHE B 223 6.39 -8.78 30.07
N ASP B 224 6.21 -9.45 28.95
CA ASP B 224 6.37 -10.88 28.95
C ASP B 224 7.79 -11.30 29.32
N GLN B 225 8.78 -10.53 28.92
CA GLN B 225 10.16 -10.81 29.30
C GLN B 225 10.40 -10.72 30.80
N MET B 226 9.82 -9.71 31.42
CA MET B 226 9.98 -9.55 32.84
C MET B 226 9.36 -10.77 33.45
N ALA B 227 8.25 -11.18 32.89
CA ALA B 227 7.52 -12.34 33.36
C ALA B 227 8.14 -13.71 33.09
N LEU B 228 9.11 -13.79 32.19
CA LEU B 228 9.55 -15.08 31.75
C LEU B 228 10.11 -15.93 32.85
N TYR B 229 9.74 -17.20 32.79
CA TYR B 229 10.20 -18.20 33.72
C TYR B 229 9.89 -17.85 35.15
N GLY B 230 8.66 -17.41 35.38
CA GLY B 230 8.22 -17.01 36.67
C GLY B 230 8.98 -15.81 37.14
N GLY B 231 9.47 -15.01 36.21
CA GLY B 231 10.16 -13.78 36.54
C GLY B 231 11.64 -13.78 36.72
N ASN B 232 12.30 -14.87 36.43
CA ASN B 232 13.73 -14.83 36.52
C ASN B 232 14.32 -14.42 35.21
N ASN B 233 14.92 -13.25 35.27
CA ASN B 233 15.52 -12.65 34.13
C ASN B 233 17.01 -12.70 34.28
N LYS B 234 17.47 -13.73 34.95
CA LYS B 234 18.87 -13.84 35.30
C LYS B 234 19.60 -14.80 34.38
N TYR B 235 20.63 -14.29 33.72
CA TYR B 235 21.42 -15.09 32.84
C TYR B 235 22.81 -15.11 33.43
N LYS B 236 23.29 -16.30 33.74
CA LYS B 236 24.63 -16.46 34.24
C LYS B 236 24.82 -15.59 35.47
N GLY B 237 23.77 -15.51 36.28
CA GLY B 237 23.85 -14.84 37.55
C GLY B 237 23.70 -13.34 37.48
N LYS B 238 23.47 -12.83 36.28
CA LYS B 238 23.29 -11.41 36.04
C LYS B 238 21.96 -11.08 35.36
N ALA B 239 21.35 -9.98 35.80
CA ALA B 239 20.07 -9.55 35.26
C ALA B 239 20.18 -9.18 33.81
N LEU B 240 19.27 -9.69 33.01
CA LEU B 240 19.30 -9.46 31.59
C LEU B 240 19.08 -8.02 31.14
N PHE B 241 18.20 -7.32 31.85
CA PHE B 241 17.86 -5.93 31.57
C PHE B 241 17.67 -5.20 32.88
N ARG B 242 17.74 -3.88 32.84
CA ARG B 242 17.58 -3.06 34.02
C ARG B 242 16.31 -2.18 34.04
N GLY B 243 15.65 -2.08 32.91
CA GLY B 243 14.50 -1.21 32.79
C GLY B 243 13.61 -1.62 31.66
N GLY B 244 12.39 -1.11 31.62
CA GLY B 244 11.51 -1.36 30.50
C GLY B 244 10.68 -0.20 30.03
N ILE B 245 10.65 0.04 28.72
CA ILE B 245 9.75 1.02 28.15
C ILE B 245 8.67 0.30 27.36
N MET B 246 7.41 0.49 27.72
CA MET B 246 6.34 -0.15 27.00
C MET B 246 5.41 0.88 26.38
N ASN B 247 5.30 0.92 25.06
CA ASN B 247 4.29 1.78 24.42
C ASN B 247 3.11 0.97 23.92
N SER B 248 1.96 1.28 24.47
CA SER B 248 0.73 0.72 24.00
C SER B 248 0.62 -0.80 24.15
N GLY B 249 1.18 -1.34 25.20
CA GLY B 249 0.95 -2.72 25.58
C GLY B 249 1.52 -3.03 26.92
N SER B 250 1.03 -4.09 27.56
CA SER B 250 1.66 -4.69 28.73
C SER B 250 1.03 -6.04 29.07
N VAL B 251 0.09 -6.00 29.98
CA VAL B 251 -0.49 -7.22 30.49
C VAL B 251 -1.59 -7.68 29.58
N VAL B 252 -1.51 -8.92 29.12
CA VAL B 252 -2.60 -9.48 28.34
C VAL B 252 -3.11 -10.78 28.91
N PRO B 253 -4.37 -10.85 29.30
CA PRO B 253 -4.92 -12.10 29.80
C PRO B 253 -5.29 -13.05 28.68
N ALA B 254 -4.68 -14.22 28.72
CA ALA B 254 -4.93 -15.24 27.73
C ALA B 254 -5.15 -16.60 28.36
N ALA B 255 -6.02 -17.35 27.74
CA ALA B 255 -6.35 -18.67 28.17
C ALA B 255 -5.16 -19.55 27.86
N PRO B 256 -5.10 -20.72 28.44
CA PRO B 256 -3.87 -21.48 28.38
C PRO B 256 -3.54 -22.03 26.99
N VAL B 257 -2.27 -22.31 26.78
CA VAL B 257 -1.82 -22.73 25.49
C VAL B 257 -2.51 -24.03 25.15
N ASP B 258 -3.01 -24.70 26.16
CA ASP B 258 -3.69 -25.97 25.99
C ASP B 258 -5.12 -25.73 25.57
N GLY B 259 -5.47 -24.46 25.46
CA GLY B 259 -6.82 -23.97 25.41
C GLY B 259 -7.60 -24.22 24.16
N VAL B 260 -8.89 -24.03 24.24
CA VAL B 260 -9.73 -24.37 23.13
C VAL B 260 -9.39 -23.57 21.91
N LYS B 261 -9.17 -22.27 22.06
CA LYS B 261 -8.86 -21.48 20.91
C LYS B 261 -7.56 -21.91 20.29
N ALA B 262 -6.50 -22.05 21.09
CA ALA B 262 -5.24 -22.46 20.52
C ALA B 262 -5.21 -23.86 19.91
N GLN B 263 -5.87 -24.82 20.51
CA GLN B 263 -5.89 -26.16 19.92
C GLN B 263 -6.60 -26.16 18.57
N ALA B 264 -7.66 -25.38 18.47
CA ALA B 264 -8.41 -25.26 17.23
C ALA B 264 -7.64 -24.63 16.08
N ILE B 265 -6.85 -23.60 16.34
CA ILE B 265 -6.09 -22.97 15.26
C ILE B 265 -5.10 -23.97 14.74
N TYR B 266 -4.49 -24.66 15.68
CA TYR B 266 -3.53 -25.68 15.39
C TYR B 266 -4.19 -26.77 14.62
N ASP B 267 -5.40 -27.14 14.99
CA ASP B 267 -6.09 -28.18 14.25
C ASP B 267 -6.38 -27.80 12.79
N HIS B 268 -6.97 -26.64 12.54
CA HIS B 268 -7.09 -26.18 11.16
C HIS B 268 -5.79 -25.78 10.45
N VAL B 269 -4.77 -25.39 11.19
CA VAL B 269 -3.50 -25.12 10.55
C VAL B 269 -2.98 -26.39 9.91
N VAL B 270 -3.07 -27.50 10.64
CA VAL B 270 -2.60 -28.76 10.13
C VAL B 270 -3.42 -29.18 8.94
N SER B 271 -4.72 -29.02 9.06
CA SER B 271 -5.63 -29.54 8.08
C SER B 271 -5.31 -28.92 6.75
N GLU B 272 -5.04 -27.64 6.77
CA GLU B 272 -4.60 -26.90 5.61
C GLU B 272 -3.24 -27.37 5.11
N ALA B 273 -2.41 -27.84 6.01
CA ALA B 273 -1.05 -28.18 5.66
C ALA B 273 -0.93 -29.65 5.24
N GLY B 274 -2.03 -30.38 5.26
CA GLY B 274 -2.00 -31.78 4.91
C GLY B 274 -1.03 -32.64 5.70
N CYS B 275 -0.86 -32.40 6.99
CA CYS B 275 -0.16 -33.33 7.87
C CYS B 275 -1.18 -34.07 8.72
N ALA B 276 -2.46 -33.84 8.46
CA ALA B 276 -3.52 -34.42 9.28
C ALA B 276 -3.64 -35.93 9.17
N GLY B 277 -3.87 -36.58 10.30
CA GLY B 277 -3.98 -38.02 10.32
C GLY B 277 -2.61 -38.67 10.39
N THR B 278 -1.59 -37.85 10.28
CA THR B 278 -0.24 -38.33 10.37
C THR B 278 -0.14 -38.72 11.83
N SER B 279 0.77 -39.61 12.16
CA SER B 279 0.92 -40.06 13.52
C SER B 279 1.36 -38.92 14.40
N ASP B 280 2.37 -38.22 13.92
CA ASP B 280 2.96 -37.12 14.62
C ASP B 280 2.66 -35.95 13.74
N THR B 281 1.60 -35.21 14.07
CA THR B 281 1.24 -34.03 13.30
C THR B 281 2.33 -33.00 13.41
N LEU B 282 2.79 -32.80 14.62
CA LEU B 282 3.73 -31.77 14.85
C LEU B 282 5.00 -32.07 14.09
N ALA B 283 5.43 -33.32 14.13
CA ALA B 283 6.68 -33.72 13.53
C ALA B 283 6.61 -33.41 12.06
N CYS B 284 5.44 -33.66 11.51
CA CYS B 284 5.20 -33.55 10.10
C CYS B 284 5.36 -32.15 9.54
N LEU B 285 4.91 -31.15 10.29
CA LEU B 285 4.79 -29.80 9.78
C LEU B 285 6.14 -29.30 9.38
N ARG B 286 7.16 -29.76 10.07
CA ARG B 286 8.52 -29.34 9.74
C ARG B 286 9.00 -30.04 8.49
N THR B 287 8.21 -31.01 8.09
CA THR B 287 8.29 -31.66 6.80
C THR B 287 8.01 -30.71 5.67
N VAL B 288 6.95 -29.93 5.84
CA VAL B 288 6.32 -29.13 4.81
C VAL B 288 7.19 -27.98 4.30
N ASP B 289 7.13 -27.73 3.00
CA ASP B 289 7.90 -26.65 2.43
C ASP B 289 7.36 -25.33 2.85
N TYR B 290 8.22 -24.35 2.81
CA TYR B 290 7.99 -23.09 3.42
C TYR B 290 6.78 -22.37 2.83
N THR B 291 6.67 -22.34 1.52
CA THR B 291 5.56 -21.67 0.90
C THR B 291 4.26 -22.32 1.27
N LYS B 292 4.19 -23.62 1.23
CA LYS B 292 2.98 -24.28 1.66
C LYS B 292 2.77 -24.01 3.12
N PHE B 293 3.87 -23.93 3.86
CA PHE B 293 3.80 -23.73 5.28
C PHE B 293 3.26 -22.37 5.69
N LEU B 294 3.75 -21.34 5.03
CA LEU B 294 3.39 -19.98 5.33
C LEU B 294 1.93 -19.89 5.08
N THR B 295 1.50 -20.47 3.98
CA THR B 295 0.14 -20.37 3.56
C THR B 295 -0.80 -21.01 4.56
N ALA B 296 -0.42 -22.12 5.14
CA ALA B 296 -1.24 -22.72 6.18
C ALA B 296 -1.34 -21.93 7.47
N VAL B 297 -0.23 -21.43 7.98
CA VAL B 297 -0.28 -20.63 9.19
C VAL B 297 -1.04 -19.34 9.01
N ASN B 298 -1.01 -18.80 7.81
CA ASN B 298 -1.65 -17.56 7.54
C ASN B 298 -3.11 -17.76 7.20
N SER B 299 -3.54 -19.00 7.26
CA SER B 299 -4.91 -19.37 6.96
C SER B 299 -5.88 -18.81 7.95
N VAL B 300 -5.38 -18.51 9.13
CA VAL B 300 -6.22 -18.11 10.21
C VAL B 300 -6.68 -16.69 10.09
N PRO B 301 -7.61 -16.30 10.93
CA PRO B 301 -8.03 -14.92 10.99
C PRO B 301 -6.89 -14.05 11.40
N GLY B 302 -6.78 -12.90 10.76
CA GLY B 302 -5.67 -12.00 10.94
C GLY B 302 -6.13 -10.66 11.48
N ILE B 303 -5.17 -9.86 11.90
CA ILE B 303 -5.47 -8.61 12.56
C ILE B 303 -6.25 -7.66 11.67
N VAL B 304 -5.92 -7.62 10.40
CA VAL B 304 -6.62 -6.75 9.50
C VAL B 304 -7.88 -7.46 9.08
N SER B 305 -8.81 -7.57 10.02
CA SER B 305 -10.07 -8.24 9.78
C SER B 305 -11.10 -7.88 10.81
N TYR B 306 -12.28 -8.43 10.62
CA TYR B 306 -13.39 -8.29 11.51
C TYR B 306 -12.95 -8.85 12.83
N SER B 307 -12.07 -9.82 12.78
CA SER B 307 -11.56 -10.49 13.96
C SER B 307 -10.86 -9.47 14.78
N SER B 308 -10.17 -8.55 14.14
CA SER B 308 -9.53 -7.49 14.85
C SER B 308 -8.56 -7.96 15.89
N ILE B 309 -8.70 -7.56 17.12
CA ILE B 309 -7.65 -7.77 18.09
C ILE B 309 -7.77 -9.08 18.85
N ALA B 310 -8.74 -9.88 18.46
CA ALA B 310 -8.86 -11.21 18.98
C ALA B 310 -7.92 -12.08 18.19
N LEU B 311 -6.65 -11.92 18.48
CA LEU B 311 -5.58 -12.45 17.69
C LEU B 311 -5.54 -13.95 17.61
N SER B 312 -5.23 -14.45 16.44
CA SER B 312 -4.97 -15.84 16.26
C SER B 312 -3.68 -16.25 16.96
N TYR B 313 -2.71 -15.35 16.97
CA TYR B 313 -1.45 -15.61 17.60
C TYR B 313 -1.10 -14.57 18.63
N LEU B 314 -0.88 -15.02 19.85
CA LEU B 314 -0.34 -14.20 20.90
C LEU B 314 0.29 -15.14 21.89
N PRO B 315 1.06 -14.62 22.83
CA PRO B 315 1.58 -15.48 23.89
C PRO B 315 0.46 -16.08 24.75
N ARG B 316 0.61 -17.32 25.18
CA ARG B 316 -0.37 -17.95 26.02
C ARG B 316 0.29 -18.69 27.17
N PRO B 317 -0.33 -18.67 28.36
CA PRO B 317 0.35 -19.28 29.48
C PRO B 317 0.51 -20.75 29.21
N ASP B 318 1.71 -21.23 29.48
CA ASP B 318 2.06 -22.62 29.35
C ASP B 318 2.55 -23.21 30.67
N GLY B 319 2.81 -22.34 31.64
CA GLY B 319 3.27 -22.77 32.94
C GLY B 319 4.77 -22.98 33.14
N VAL B 320 5.59 -22.71 32.13
CA VAL B 320 7.00 -22.69 32.37
C VAL B 320 7.57 -21.37 31.93
N VAL B 321 7.52 -21.13 30.64
CA VAL B 321 7.93 -19.87 30.03
C VAL B 321 6.97 -18.80 30.46
N LEU B 322 5.70 -19.15 30.33
CA LEU B 322 4.59 -18.32 30.72
C LEU B 322 3.75 -19.13 31.66
N ILE B 323 4.16 -19.13 32.92
CA ILE B 323 3.61 -19.99 33.92
C ILE B 323 2.14 -19.74 34.18
N ASP B 324 1.73 -18.49 34.12
CA ASP B 324 0.35 -18.18 34.38
C ASP B 324 -0.16 -17.06 33.52
N SER B 325 -1.46 -16.82 33.63
CA SER B 325 -2.09 -15.71 32.96
C SER B 325 -1.43 -14.45 33.50
N PRO B 326 -1.12 -13.49 32.66
CA PRO B 326 -0.24 -12.40 33.03
C PRO B 326 -0.72 -11.53 34.18
N GLU B 327 -2.01 -11.31 34.31
CA GLU B 327 -2.54 -10.50 35.38
C GLU B 327 -2.25 -11.11 36.74
N GLU B 328 -2.37 -12.43 36.79
CA GLU B 328 -2.10 -13.23 37.97
C GLU B 328 -0.62 -13.14 38.31
N ILE B 329 0.21 -13.11 37.29
CA ILE B 329 1.65 -13.05 37.47
C ILE B 329 2.04 -11.78 38.20
N VAL B 330 1.38 -10.69 37.88
CA VAL B 330 1.60 -9.48 38.60
C VAL B 330 1.16 -9.62 40.05
N LYS B 331 -0.02 -10.19 40.24
CA LYS B 331 -0.63 -10.29 41.56
C LYS B 331 0.26 -11.10 42.49
N ASN B 332 0.88 -12.13 41.93
CA ASN B 332 1.65 -13.08 42.67
C ASN B 332 3.10 -12.73 42.72
N LYS B 333 3.44 -11.53 42.31
CA LYS B 333 4.80 -11.08 42.40
C LYS B 333 5.75 -12.05 41.70
N GLN B 334 5.36 -12.60 40.56
CA GLN B 334 6.20 -13.58 39.87
C GLN B 334 6.89 -13.08 38.61
N TYR B 335 7.19 -11.80 38.58
CA TYR B 335 7.81 -11.15 37.44
C TYR B 335 9.01 -10.37 37.91
N ALA B 336 9.92 -10.08 37.01
CA ALA B 336 11.03 -9.28 37.39
C ALA B 336 10.61 -7.86 37.33
N ALA B 337 10.73 -7.17 38.44
CA ALA B 337 10.27 -5.82 38.50
C ALA B 337 11.46 -4.91 38.33
N VAL B 338 11.34 -4.01 37.38
CA VAL B 338 12.40 -3.11 37.08
C VAL B 338 11.78 -1.76 36.79
N PRO B 339 12.56 -0.71 36.80
CA PRO B 339 12.00 0.62 36.62
C PRO B 339 11.31 0.63 35.29
N MET B 340 10.17 1.30 35.16
CA MET B 340 9.52 1.33 33.87
C MET B 340 8.78 2.60 33.51
N ILE B 341 8.75 2.87 32.21
CA ILE B 341 7.90 3.88 31.62
C ILE B 341 6.86 3.22 30.72
N ILE B 342 5.59 3.51 30.93
CA ILE B 342 4.56 2.89 30.13
C ILE B 342 3.66 3.97 29.58
N GLY B 343 3.23 3.80 28.35
CA GLY B 343 2.45 4.83 27.68
C GLY B 343 1.31 4.36 26.83
N ASP B 344 0.38 5.25 26.57
CA ASP B 344 -0.66 4.97 25.62
C ASP B 344 -0.89 6.20 24.73
N GLN B 345 -1.23 5.96 23.49
CA GLN B 345 -1.69 7.02 22.63
C GLN B 345 -3.10 7.31 23.01
N GLU B 346 -3.51 8.53 22.89
CA GLU B 346 -4.80 8.93 23.36
C GLU B 346 -5.93 8.14 22.72
N ASP B 347 -5.78 7.72 21.47
CA ASP B 347 -6.88 7.05 20.81
C ASP B 347 -6.49 5.70 20.22
N GLU B 348 -6.12 4.78 21.09
CA GLU B 348 -5.61 3.48 20.73
C GLU B 348 -6.59 2.64 19.98
N GLY B 349 -7.86 2.79 20.29
CA GLY B 349 -8.91 2.03 19.69
C GLY B 349 -9.29 2.15 18.24
N THR B 350 -9.12 3.33 17.67
CA THR B 350 -9.79 3.70 16.46
C THR B 350 -9.48 2.82 15.27
N LEU B 351 -8.22 2.49 15.09
CA LEU B 351 -7.78 1.66 14.02
C LEU B 351 -8.41 0.30 14.11
N PHE B 352 -8.49 -0.20 15.32
CA PHE B 352 -9.12 -1.46 15.62
C PHE B 352 -10.62 -1.51 15.47
N ALA B 353 -11.27 -0.39 15.65
CA ALA B 353 -12.70 -0.34 15.53
C ALA B 353 -13.20 -0.24 14.12
N VAL B 354 -12.33 0.07 13.19
CA VAL B 354 -12.76 0.32 11.83
C VAL B 354 -13.40 -0.85 11.08
N LEU B 355 -12.75 -1.99 11.08
CA LEU B 355 -13.24 -3.17 10.39
C LEU B 355 -14.51 -3.84 10.88
N PRO B 356 -14.68 -3.95 12.19
CA PRO B 356 -15.90 -4.55 12.70
C PRO B 356 -17.04 -3.53 12.80
N ASN B 357 -17.52 -3.09 11.66
CA ASN B 357 -18.57 -2.09 11.62
C ASN B 357 -19.93 -2.70 11.79
N ASN B 358 -19.89 -3.99 12.06
CA ASN B 358 -20.99 -4.84 12.44
C ASN B 358 -21.55 -4.42 13.78
N ILE B 359 -20.66 -4.03 14.66
CA ILE B 359 -20.93 -3.93 16.07
C ILE B 359 -21.56 -2.61 16.52
N THR B 360 -22.84 -2.48 16.23
CA THR B 360 -23.56 -1.23 16.36
C THR B 360 -24.29 -1.08 17.67
N SER B 361 -24.14 -2.01 18.61
CA SER B 361 -24.80 -1.90 19.90
C SER B 361 -24.15 -2.76 20.97
N THR B 362 -24.45 -2.49 22.23
CA THR B 362 -23.87 -3.24 23.32
C THR B 362 -24.27 -4.69 23.22
N ALA B 363 -25.50 -4.92 22.83
CA ALA B 363 -25.94 -6.27 22.63
C ALA B 363 -25.13 -6.87 21.51
N LYS B 364 -24.91 -6.08 20.48
CA LYS B 364 -24.02 -6.51 19.41
C LYS B 364 -22.57 -6.63 19.86
N ILE B 365 -22.12 -5.68 20.65
CA ILE B 365 -20.75 -5.69 21.10
C ILE B 365 -20.53 -6.93 21.89
N VAL B 366 -21.50 -7.24 22.73
CA VAL B 366 -21.44 -8.36 23.65
C VAL B 366 -21.31 -9.69 22.92
N GLN B 367 -22.12 -9.91 21.91
CA GLN B 367 -22.08 -11.14 21.16
C GLN B 367 -20.73 -11.28 20.52
N TYR B 368 -20.19 -10.16 20.07
CA TYR B 368 -18.91 -10.13 19.40
C TYR B 368 -17.82 -10.62 20.35
N PHE B 369 -17.76 -10.08 21.55
CA PHE B 369 -16.78 -10.57 22.48
C PHE B 369 -17.05 -12.03 22.82
N GLN B 370 -18.30 -12.37 22.99
CA GLN B 370 -18.65 -13.72 23.31
C GLN B 370 -18.33 -14.73 22.22
N ASP B 371 -18.53 -14.36 20.97
CA ASP B 371 -18.16 -15.25 19.91
C ASP B 371 -16.67 -15.48 19.83
N LEU B 372 -15.90 -14.39 19.93
CA LEU B 372 -14.50 -14.46 19.58
C LEU B 372 -13.51 -14.03 20.64
N TYR B 373 -13.92 -13.17 21.55
CA TYR B 373 -12.96 -12.64 22.50
C TYR B 373 -12.87 -13.36 23.82
N PHE B 374 -13.95 -13.44 24.59
CA PHE B 374 -13.82 -14.09 25.89
C PHE B 374 -14.82 -15.20 26.17
N TYR B 375 -14.35 -16.42 26.14
CA TYR B 375 -15.16 -17.57 26.49
C TYR B 375 -15.44 -17.68 27.99
N ASN B 376 -14.67 -16.97 28.79
CA ASN B 376 -14.81 -17.02 30.23
C ASN B 376 -15.76 -16.02 30.88
N ALA B 377 -16.41 -15.17 30.11
CA ALA B 377 -17.27 -14.18 30.70
C ALA B 377 -18.69 -14.50 30.36
N THR B 378 -19.56 -14.36 31.32
CA THR B 378 -20.96 -14.54 31.07
C THR B 378 -21.44 -13.28 30.42
N LYS B 379 -22.58 -13.38 29.77
CA LYS B 379 -23.18 -12.27 29.08
C LYS B 379 -23.46 -11.20 30.11
N GLU B 380 -23.61 -11.65 31.36
CA GLU B 380 -23.94 -10.76 32.45
C GLU B 380 -22.88 -9.73 32.76
N GLN B 381 -21.64 -10.14 32.96
CA GLN B 381 -20.55 -9.19 33.20
C GLN B 381 -20.16 -8.31 32.01
N LEU B 382 -20.12 -8.91 30.85
CA LEU B 382 -19.67 -8.18 29.70
C LEU B 382 -20.64 -7.06 29.51
N THR B 383 -21.93 -7.35 29.62
CA THR B 383 -22.91 -6.34 29.37
C THR B 383 -22.70 -5.23 30.35
N ALA B 384 -22.30 -5.59 31.55
CA ALA B 384 -21.97 -4.59 32.54
C ALA B 384 -20.79 -3.73 32.19
N PHE B 385 -19.71 -4.33 31.68
CA PHE B 385 -18.53 -3.54 31.34
C PHE B 385 -18.75 -2.49 30.24
N VAL B 386 -19.42 -2.94 29.21
CA VAL B 386 -19.74 -2.16 28.05
C VAL B 386 -20.65 -1.03 28.45
N ASN B 387 -21.53 -1.30 29.39
CA ASN B 387 -22.50 -0.34 29.87
C ASN B 387 -21.86 0.74 30.68
N THR B 388 -20.66 0.45 31.12
CA THR B 388 -19.83 1.41 31.75
C THR B 388 -19.49 2.48 30.77
N TYR B 389 -19.74 2.19 29.50
CA TYR B 389 -19.36 3.09 28.44
C TYR B 389 -20.59 3.68 27.82
N PRO B 390 -20.64 4.99 27.74
CA PRO B 390 -21.84 5.69 27.26
C PRO B 390 -22.11 5.50 25.79
N THR B 391 -23.35 5.68 25.36
CA THR B 391 -23.64 5.63 23.94
C THR B 391 -23.44 6.96 23.29
N ASP B 392 -23.21 7.96 24.11
CA ASP B 392 -23.16 9.33 23.69
C ASP B 392 -22.05 9.47 22.70
N ILE B 393 -22.31 10.14 21.60
CA ILE B 393 -21.34 10.34 20.54
C ILE B 393 -20.16 11.11 21.03
N THR B 394 -20.38 12.01 21.95
CA THR B 394 -19.32 12.83 22.51
C THR B 394 -18.31 12.05 23.30
N ALA B 395 -18.76 10.97 23.93
CA ALA B 395 -17.96 10.20 24.87
C ALA B 395 -16.90 9.29 24.30
N GLY B 396 -16.95 9.05 23.01
CA GLY B 396 -16.06 8.14 22.32
C GLY B 396 -14.68 8.61 21.94
N SER B 397 -13.96 7.75 21.27
CA SER B 397 -12.66 8.07 20.72
C SER B 397 -12.85 8.18 19.23
N PRO B 398 -12.27 9.19 18.60
CA PRO B 398 -11.30 10.10 19.20
C PRO B 398 -11.87 10.98 20.27
N PHE B 399 -11.19 11.04 21.39
CA PHE B 399 -11.69 11.71 22.57
C PHE B 399 -11.69 13.20 22.43
N ASN B 400 -12.69 13.82 23.03
CA ASN B 400 -12.90 15.25 22.92
C ASN B 400 -13.10 15.78 21.53
N THR B 401 -13.85 15.06 20.73
CA THR B 401 -14.11 15.50 19.40
C THR B 401 -15.58 15.76 19.15
N GLY B 402 -16.37 15.78 20.20
CA GLY B 402 -17.79 16.01 20.07
C GLY B 402 -18.55 15.02 19.23
N ILE B 403 -19.46 15.50 18.42
CA ILE B 403 -20.26 14.66 17.52
C ILE B 403 -19.51 14.13 16.31
N PHE B 404 -18.34 14.66 16.10
CA PHE B 404 -17.51 14.29 14.98
C PHE B 404 -16.78 12.96 15.04
N ASN B 405 -16.35 12.48 13.90
CA ASN B 405 -15.56 11.29 13.77
C ASN B 405 -16.32 10.00 14.00
N GLU B 406 -17.63 10.04 13.90
CA GLU B 406 -18.43 8.86 14.06
C GLU B 406 -18.56 8.15 12.72
N LEU B 407 -17.64 7.25 12.46
CA LEU B 407 -17.52 6.59 11.20
C LEU B 407 -18.74 5.77 10.86
N TYR B 408 -19.23 5.05 11.83
CA TYR B 408 -20.51 4.43 11.74
C TYR B 408 -20.97 4.50 13.16
N PRO B 409 -22.23 4.24 13.41
CA PRO B 409 -22.76 4.45 14.76
C PRO B 409 -22.25 3.46 15.74
N GLY B 410 -21.72 3.97 16.84
CA GLY B 410 -21.06 3.18 17.84
C GLY B 410 -19.57 3.04 17.65
N PHE B 411 -19.03 3.59 16.60
CA PHE B 411 -17.63 3.41 16.33
C PHE B 411 -16.79 4.01 17.42
N LYS B 412 -17.13 5.21 17.84
CA LYS B 412 -16.39 5.86 18.87
C LYS B 412 -16.49 5.07 20.15
N ARG B 413 -17.64 4.51 20.42
CA ARG B 413 -17.80 3.72 21.60
C ARG B 413 -16.93 2.49 21.59
N LEU B 414 -16.98 1.75 20.51
CA LEU B 414 -16.25 0.52 20.42
C LEU B 414 -14.78 0.78 20.52
N ALA B 415 -14.36 1.88 19.92
CA ALA B 415 -12.99 2.29 19.88
C ALA B 415 -12.46 2.64 21.23
N ALA B 416 -13.29 3.28 22.00
CA ALA B 416 -12.95 3.56 23.35
C ALA B 416 -12.80 2.26 24.09
N ILE B 417 -13.73 1.35 23.88
CA ILE B 417 -13.67 0.10 24.55
C ILE B 417 -12.48 -0.77 24.16
N LEU B 418 -12.26 -0.97 22.87
CA LEU B 418 -11.16 -1.80 22.46
C LEU B 418 -9.87 -1.17 22.90
N GLY B 419 -9.80 0.13 22.79
CA GLY B 419 -8.63 0.85 23.18
C GLY B 419 -8.37 0.74 24.64
N ASP B 420 -9.40 0.86 25.45
CA ASP B 420 -9.25 0.77 26.90
C ASP B 420 -8.90 -0.60 27.43
N MET B 421 -9.66 -1.60 27.04
CA MET B 421 -9.56 -2.88 27.66
C MET B 421 -8.22 -3.46 27.42
N THR B 422 -7.81 -3.45 26.18
CA THR B 422 -6.49 -3.85 25.76
C THR B 422 -5.31 -2.99 26.19
N PHE B 423 -5.45 -1.69 26.12
CA PHE B 423 -4.29 -0.85 26.31
C PHE B 423 -4.41 0.12 27.45
N THR B 424 -5.19 1.16 27.23
CA THR B 424 -5.19 2.32 28.09
C THR B 424 -5.64 2.12 29.53
N LEU B 425 -6.73 1.41 29.72
CA LEU B 425 -7.15 1.06 31.06
C LEU B 425 -6.54 -0.25 31.48
N ALA B 426 -6.02 -0.97 30.51
CA ALA B 426 -5.19 -2.09 30.80
C ALA B 426 -3.93 -1.59 31.50
N ARG B 427 -3.37 -0.48 31.03
CA ARG B 427 -2.16 0.05 31.62
C ARG B 427 -2.27 0.51 33.07
N ARG B 428 -3.29 1.27 33.40
CA ARG B 428 -3.39 1.79 34.74
C ARG B 428 -3.52 0.62 35.71
N ALA B 429 -4.21 -0.41 35.26
CA ALA B 429 -4.46 -1.61 36.01
C ALA B 429 -3.20 -2.35 36.32
N PHE B 430 -2.31 -2.38 35.36
CA PHE B 430 -0.98 -2.89 35.56
C PHE B 430 -0.32 -1.99 36.60
N LEU B 431 -0.45 -0.69 36.45
CA LEU B 431 0.19 0.26 37.32
C LEU B 431 -0.25 0.17 38.75
N GLN B 432 -1.54 -0.01 38.96
CA GLN B 432 -2.09 -0.18 40.29
C GLN B 432 -1.60 -1.44 40.97
N LEU B 433 -1.67 -2.55 40.29
CA LEU B 433 -1.15 -3.78 40.84
C LEU B 433 0.35 -3.69 41.04
N CYS B 434 1.07 -3.11 40.10
CA CYS B 434 2.50 -3.01 40.29
C CYS B 434 2.84 -2.16 41.47
N SER B 435 2.04 -1.14 41.71
CA SER B 435 2.20 -0.33 42.90
C SER B 435 1.95 -1.08 44.21
N GLU B 436 0.97 -1.96 44.17
CA GLU B 436 0.62 -2.82 45.28
C GLU B 436 1.61 -3.89 45.68
N VAL B 437 2.19 -4.58 44.72
CA VAL B 437 3.07 -5.66 45.07
C VAL B 437 4.55 -5.30 45.04
N ASN B 438 4.92 -4.30 44.29
CA ASN B 438 6.27 -3.85 44.29
C ASN B 438 6.24 -2.36 44.38
N PRO B 439 5.70 -1.84 45.44
CA PRO B 439 5.83 -0.42 45.65
C PRO B 439 7.32 -0.17 45.78
N ASP B 440 7.81 1.00 45.42
CA ASP B 440 9.22 1.16 45.59
C ASP B 440 9.98 0.66 44.37
N VAL B 441 9.30 0.06 43.42
CA VAL B 441 9.89 -0.10 42.12
C VAL B 441 9.28 1.04 41.34
N PRO B 442 10.05 2.02 40.93
CA PRO B 442 9.47 3.24 40.37
C PRO B 442 8.86 3.05 38.98
N SER B 443 7.94 3.94 38.62
CA SER B 443 7.32 3.90 37.32
C SER B 443 6.81 5.24 36.91
N TRP B 444 6.72 5.48 35.60
CA TRP B 444 6.17 6.69 35.02
C TRP B 444 5.28 6.40 33.83
N SER B 445 4.22 7.16 33.63
CA SER B 445 3.29 6.89 32.54
C SER B 445 2.88 8.17 31.88
N TYR B 446 2.50 8.09 30.62
CA TYR B 446 2.09 9.28 29.86
C TYR B 446 0.96 9.07 28.85
N LEU B 447 0.34 10.16 28.43
CA LEU B 447 -0.64 10.11 27.35
C LEU B 447 -0.26 11.01 26.18
N ALA B 448 -0.26 10.45 24.99
CA ALA B 448 0.09 11.18 23.80
C ALA B 448 -1.11 11.83 23.14
N SER B 449 -1.04 13.13 22.94
CA SER B 449 -2.09 13.84 22.23
C SER B 449 -1.62 14.72 21.10
N TYR B 450 -0.43 14.48 20.55
CA TYR B 450 0.15 15.41 19.58
C TYR B 450 -0.56 15.40 18.24
N ASP B 451 -1.43 14.45 18.03
CA ASP B 451 -2.11 14.35 16.77
C ASP B 451 -3.58 14.69 16.89
N TYR B 452 -3.91 15.61 17.78
CA TYR B 452 -5.29 15.91 18.03
C TYR B 452 -5.94 16.47 16.81
N GLY B 453 -7.18 16.08 16.59
CA GLY B 453 -7.95 16.56 15.49
C GLY B 453 -7.73 15.87 14.17
N PHE B 454 -6.88 14.86 14.11
CA PHE B 454 -6.69 14.10 12.92
C PHE B 454 -7.96 13.36 12.68
N PRO B 455 -8.48 13.41 11.48
CA PRO B 455 -9.83 12.94 11.24
C PRO B 455 -10.04 11.47 11.52
N PHE B 456 -11.09 11.16 12.23
CA PHE B 456 -11.49 9.80 12.46
C PHE B 456 -10.65 9.00 13.42
N LEU B 457 -9.35 9.05 13.27
CA LEU B 457 -8.49 8.23 14.08
C LEU B 457 -7.90 8.92 15.30
N GLY B 458 -7.81 10.23 15.25
CA GLY B 458 -7.16 11.01 16.28
C GLY B 458 -5.72 10.63 16.51
N THR B 459 -5.27 10.60 17.75
CA THR B 459 -3.91 10.17 18.01
C THR B 459 -3.95 8.67 18.18
N PHE B 460 -3.82 7.99 17.06
CA PHE B 460 -4.05 6.58 16.96
C PHE B 460 -2.91 5.64 17.25
N HIS B 461 -3.22 4.36 17.25
CA HIS B 461 -2.28 3.36 17.61
C HIS B 461 -1.12 3.34 16.67
N ALA B 462 0.07 3.41 17.23
CA ALA B 462 1.32 3.44 16.48
C ALA B 462 1.68 4.78 15.88
N THR B 463 1.02 5.83 16.30
CA THR B 463 1.36 7.16 15.87
C THR B 463 2.71 7.55 16.38
N ASP B 464 3.08 6.90 17.47
CA ASP B 464 4.33 7.16 18.15
C ASP B 464 5.54 6.82 17.30
N ILE B 465 5.45 5.74 16.56
CA ILE B 465 6.57 5.23 15.84
C ILE B 465 7.03 6.35 14.96
N LEU B 466 6.11 7.07 14.35
CA LEU B 466 6.51 8.24 13.60
C LEU B 466 6.98 9.36 14.46
N GLN B 467 6.10 9.83 15.33
CA GLN B 467 6.34 11.04 16.10
C GLN B 467 7.49 10.92 17.05
N VAL B 468 7.61 9.77 17.69
CA VAL B 468 8.64 9.62 18.68
C VAL B 468 9.79 8.88 18.10
N PHE B 469 9.53 7.69 17.58
CA PHE B 469 10.60 6.86 17.07
C PHE B 469 11.36 7.44 15.89
N TYR B 470 10.67 8.03 14.93
CA TYR B 470 11.35 8.73 13.86
C TYR B 470 11.30 10.22 14.02
N GLY B 471 10.69 10.67 15.09
CA GLY B 471 10.63 12.09 15.35
C GLY B 471 10.04 12.98 14.27
N VAL B 472 8.96 12.52 13.63
CA VAL B 472 8.24 13.30 12.64
C VAL B 472 6.83 13.59 13.13
N LEU B 473 6.34 14.81 13.00
CA LEU B 473 7.12 15.98 12.65
C LEU B 473 7.97 16.38 13.82
N PRO B 474 9.02 17.13 13.55
CA PRO B 474 9.91 17.58 14.60
C PRO B 474 9.27 18.68 15.43
N ASN B 475 9.12 18.47 16.73
CA ASN B 475 8.42 19.42 17.56
C ASN B 475 8.55 19.10 19.03
N TYR B 476 7.67 19.68 19.83
CA TYR B 476 7.76 19.56 21.26
C TYR B 476 7.58 18.15 21.77
N ALA B 477 6.68 17.42 21.15
CA ALA B 477 6.46 16.05 21.54
C ALA B 477 7.69 15.20 21.28
N SER B 478 8.34 15.44 20.15
CA SER B 478 9.52 14.69 19.79
C SER B 478 10.71 14.90 20.69
N GLY B 479 11.09 16.14 20.90
CA GLY B 479 12.25 16.38 21.72
C GLY B 479 12.00 15.89 23.12
N SER B 480 10.83 16.19 23.63
CA SER B 480 10.50 15.85 24.96
C SER B 480 10.44 14.37 25.24
N ILE B 481 9.75 13.61 24.41
CA ILE B 481 9.64 12.20 24.67
C ILE B 481 10.97 11.54 24.58
N GLN B 482 11.75 11.99 23.62
CA GLN B 482 13.04 11.41 23.39
C GLN B 482 13.96 11.65 24.57
N LYS B 483 13.94 12.87 25.07
CA LYS B 483 14.85 13.24 26.08
C LYS B 483 14.58 12.33 27.24
N TYR B 484 13.31 12.14 27.55
CA TYR B 484 12.91 11.31 28.67
C TYR B 484 13.36 9.88 28.51
N TYR B 485 13.13 9.30 27.33
CA TYR B 485 13.53 7.95 27.09
C TYR B 485 15.03 7.81 27.15
N ILE B 486 15.74 8.76 26.53
CA ILE B 486 17.21 8.76 26.43
C ILE B 486 17.79 8.88 27.82
N ASN B 487 17.20 9.74 28.61
CA ASN B 487 17.61 9.86 29.97
C ASN B 487 17.38 8.54 30.68
N PHE B 488 16.22 7.93 30.43
CA PHE B 488 15.85 6.76 31.18
C PHE B 488 16.86 5.64 30.96
N VAL B 489 17.23 5.39 29.72
CA VAL B 489 18.20 4.33 29.45
C VAL B 489 19.54 4.64 30.08
N THR B 490 20.00 5.87 29.92
CA THR B 490 21.26 6.32 30.48
C THR B 490 21.25 6.32 32.01
N THR B 491 20.21 6.90 32.61
CA THR B 491 20.17 7.06 34.05
C THR B 491 19.21 6.16 34.82
N GLY B 492 18.25 5.59 34.14
CA GLY B 492 17.25 4.79 34.82
C GLY B 492 16.14 5.61 35.43
N ASP B 493 16.16 6.91 35.18
CA ASP B 493 15.10 7.84 35.53
C ASP B 493 14.77 8.74 34.37
N PRO B 494 13.51 8.98 34.09
CA PRO B 494 13.14 9.84 32.96
C PRO B 494 13.63 11.25 33.14
N ASN B 495 13.58 11.71 34.38
CA ASN B 495 13.86 13.08 34.71
C ASN B 495 15.33 13.36 34.94
N LYS B 496 16.17 12.35 34.98
CA LYS B 496 17.57 12.57 35.26
C LYS B 496 18.49 12.29 34.10
N GLY B 497 19.56 13.08 34.00
CA GLY B 497 20.40 13.09 32.85
C GLY B 497 20.35 14.49 32.33
N ALA B 498 19.63 14.66 31.24
CA ALA B 498 19.44 15.96 30.64
C ALA B 498 18.50 16.79 31.49
N ALA B 499 18.54 18.08 31.28
CA ALA B 499 17.58 18.99 31.89
C ALA B 499 16.27 18.91 31.15
N VAL B 500 15.21 18.74 31.93
CA VAL B 500 13.89 18.44 31.41
C VAL B 500 13.00 19.61 31.77
N ASP B 501 12.18 20.05 30.85
CA ASP B 501 11.29 21.17 31.08
C ASP B 501 10.25 20.91 32.13
N ILE B 502 9.72 19.71 32.16
CA ILE B 502 8.73 19.39 33.16
C ILE B 502 9.10 18.12 33.92
N GLN B 503 9.14 18.18 35.24
CA GLN B 503 9.51 17.00 36.00
C GLN B 503 8.39 15.99 35.95
N TRP B 504 8.69 14.81 35.48
CA TRP B 504 7.67 13.83 35.24
C TRP B 504 7.48 13.05 36.51
N PRO B 505 6.32 13.18 37.13
CA PRO B 505 6.06 12.55 38.42
C PRO B 505 5.92 11.04 38.42
N GLN B 506 6.30 10.37 39.48
CA GLN B 506 6.08 8.94 39.60
C GLN B 506 4.60 8.73 39.65
N TRP B 507 4.15 7.69 38.99
CA TRP B 507 2.73 7.44 38.90
C TRP B 507 2.10 7.18 40.25
N SER B 508 2.76 6.40 41.08
CA SER B 508 2.25 5.97 42.38
C SER B 508 2.10 7.05 43.44
N ALA B 509 2.79 8.16 43.27
CA ALA B 509 2.73 9.21 44.24
C ALA B 509 1.37 9.85 44.37
N LYS B 510 0.87 10.37 43.27
CA LYS B 510 -0.40 11.05 43.20
C LYS B 510 -1.26 10.49 42.10
N LYS B 511 -0.82 9.38 41.55
CA LYS B 511 -1.49 8.78 40.41
C LYS B 511 -1.64 9.75 39.22
N ASN B 512 -0.61 10.50 38.93
CA ASN B 512 -0.64 11.41 37.83
C ASN B 512 0.20 10.90 36.70
N ILE B 513 -0.11 11.39 35.50
CA ILE B 513 0.60 11.07 34.29
C ILE B 513 0.79 12.34 33.50
N LEU B 514 1.70 12.30 32.55
CA LEU B 514 1.98 13.38 31.65
C LEU B 514 1.13 13.29 30.38
N GLN B 515 0.59 14.41 29.95
CA GLN B 515 -0.15 14.45 28.70
C GLN B 515 0.56 15.39 27.78
N ILE B 516 0.98 14.88 26.63
CA ILE B 516 1.77 15.70 25.75
C ILE B 516 1.06 16.05 24.46
N TYR B 517 0.87 17.32 24.24
CA TYR B 517 0.31 17.78 23.01
C TYR B 517 1.49 17.98 22.13
N ALA B 518 1.27 18.50 20.95
CA ALA B 518 2.34 18.73 20.02
C ALA B 518 3.31 19.76 20.52
N THR B 519 2.77 20.83 21.06
CA THR B 519 3.57 21.96 21.48
C THR B 519 3.61 22.22 22.96
N LYS B 520 2.93 21.39 23.73
CA LYS B 520 2.76 21.59 25.16
C LYS B 520 2.82 20.24 25.81
N ALA B 521 2.97 20.22 27.12
CA ALA B 521 2.68 19.02 27.90
C ALA B 521 2.11 19.42 29.22
N VAL B 522 1.44 18.51 29.90
CA VAL B 522 0.85 18.83 31.16
C VAL B 522 0.64 17.62 32.07
N ILE B 523 0.40 17.87 33.34
CA ILE B 523 0.26 16.83 34.32
C ILE B 523 -1.21 16.67 34.68
N VAL B 524 -1.73 15.48 34.56
CA VAL B 524 -3.13 15.26 34.78
C VAL B 524 -3.41 14.01 35.57
N ALA B 525 -4.60 13.92 36.12
CA ALA B 525 -4.96 12.75 36.86
C ALA B 525 -5.20 11.57 35.94
N ASP B 526 -4.59 10.44 36.25
CA ASP B 526 -4.85 9.27 35.48
C ASP B 526 -6.11 8.67 36.05
N ASN B 527 -7.19 9.42 36.00
CA ASN B 527 -8.46 8.97 36.55
C ASN B 527 -9.64 8.84 35.62
N PHE B 528 -9.44 9.02 34.34
CA PHE B 528 -10.55 9.06 33.41
C PHE B 528 -11.27 7.72 33.23
N ARG B 529 -12.55 7.78 32.94
CA ARG B 529 -13.36 6.60 32.67
C ARG B 529 -13.33 5.54 33.77
N ALA B 530 -13.43 6.02 35.00
CA ALA B 530 -13.13 5.25 36.18
C ALA B 530 -13.97 4.03 36.36
N LYS B 531 -15.25 4.16 36.12
CA LYS B 531 -16.14 3.03 36.27
C LYS B 531 -15.82 1.91 35.30
N SER B 532 -15.47 2.25 34.07
CA SER B 532 -15.00 1.25 33.14
C SER B 532 -13.70 0.66 33.57
N TYR B 533 -12.81 1.49 34.05
CA TYR B 533 -11.56 0.98 34.50
C TYR B 533 -11.88 0.06 35.66
N GLU B 534 -12.75 0.55 36.52
CA GLU B 534 -12.94 -0.17 37.73
C GLU B 534 -13.54 -1.52 37.48
N TYR B 535 -14.50 -1.63 36.58
CA TYR B 535 -15.12 -2.91 36.37
C TYR B 535 -14.10 -3.89 35.90
N LEU B 536 -13.20 -3.43 35.06
CA LEU B 536 -12.16 -4.29 34.49
C LEU B 536 -11.17 -4.79 35.52
N TYR B 537 -10.76 -3.88 36.37
CA TYR B 537 -9.81 -4.22 37.39
C TYR B 537 -10.34 -5.27 38.34
N ASN B 538 -11.55 -5.03 38.81
CA ASN B 538 -12.24 -5.92 39.69
C ASN B 538 -12.51 -7.20 38.99
N ASN B 539 -12.56 -7.15 37.69
CA ASN B 539 -12.93 -8.31 36.91
C ASN B 539 -11.94 -8.78 35.87
N TRP B 540 -10.66 -8.52 36.05
CA TRP B 540 -9.73 -8.68 34.96
C TRP B 540 -9.78 -10.09 34.40
N GLY B 541 -10.07 -11.04 35.26
CA GLY B 541 -9.97 -12.45 34.93
C GLY B 541 -10.82 -12.99 33.81
N ILE B 542 -12.02 -12.46 33.65
CA ILE B 542 -12.96 -12.98 32.66
C ILE B 542 -12.55 -12.58 31.25
N PHE B 543 -11.58 -11.68 31.17
CA PHE B 543 -11.14 -11.15 29.90
C PHE B 543 -9.91 -11.88 29.41
N ARG B 544 -9.80 -13.14 29.78
CA ARG B 544 -8.72 -13.91 29.23
C ARG B 544 -9.12 -14.16 27.81
N ILE B 545 -8.30 -13.72 26.87
CA ILE B 545 -8.61 -13.88 25.47
C ILE B 545 -7.96 -15.14 24.90
O1 7P9 C . 9.62 -16.32 -14.22
O2 7P9 C . 8.67 -16.74 -16.45
P1 7P9 C . 9.45 -15.76 -15.59
O3 7P9 C . 10.78 -15.44 -16.19
O4 7P9 C . 8.69 -14.38 -15.50
C1 7P9 C . 7.44 -14.30 -14.84
C2 7P9 C . 7.01 -12.87 -14.82
C3 7P9 C . 7.24 -12.38 -13.42
O5 7P9 C . 6.23 -13.05 -12.67
C4 7P9 C . 5.00 -12.94 -13.35
O6 7P9 C . 4.42 -14.16 -13.51
C5 7P9 C . 4.04 -11.99 -12.63
C6 7P9 C . 4.67 -10.97 -11.67
C7 7P9 C . 4.07 -9.56 -11.77
C8 7P9 C . 3.01 -9.22 -10.73
C9 7P9 C . 3.27 -7.94 -9.96
C10 7P9 C . 2.13 -7.55 -9.03
O7 7P9 C . 7.72 -12.18 -15.81
C12 7P9 C . 8.11 -10.83 -15.55
O8 7P9 C . 9.11 -10.51 -16.46
C13 7P9 C . 6.95 -9.89 -15.85
C14 7P9 C . 7.02 -8.68 -14.89
C11 7P9 C . 8.23 -6.90 -7.86
C15 7P9 C . 7.44 -9.20 -13.51
C16 7P9 C . 7.53 -8.09 -12.43
C17 7P9 C . 8.53 -8.55 -11.34
C18 7P9 C . 8.76 -7.52 -10.24
C19 7P9 C . 8.13 -7.98 -8.92
C1 PGE D . -7.58 1.20 -13.62
O1 PGE D . -6.15 1.36 -13.32
C2 PGE D . -7.72 0.76 -15.08
O2 PGE D . -9.10 1.06 -15.56
C3 PGE D . -9.20 0.76 -16.99
C4 PGE D . -10.16 1.73 -17.67
O4 PGE D . -14.41 1.73 -19.92
C6 PGE D . -13.54 1.00 -19.00
C5 PGE D . -12.11 1.51 -19.18
O3 PGE D . -11.31 0.91 -18.12
C1 NAG E . -23.93 -6.92 -5.03
C2 NAG E . -25.39 -6.73 -5.41
C3 NAG E . -25.84 -5.29 -5.18
C4 NAG E . -25.43 -4.80 -3.79
C5 NAG E . -23.96 -5.11 -3.51
C6 NAG E . -23.58 -4.70 -2.10
C7 NAG E . -26.06 -8.30 -7.13
C8 NAG E . -26.26 -8.53 -8.60
N2 NAG E . -25.60 -7.10 -6.79
O3 NAG E . -27.26 -5.20 -5.32
O4 NAG E . -25.65 -3.40 -3.69
O5 NAG E . -23.72 -6.51 -3.68
O6 NAG E . -22.19 -4.35 -2.07
O7 NAG E . -26.29 -9.17 -6.31
C1 NAG F . -29.55 5.14 -26.44
C2 NAG F . -28.60 6.31 -26.18
C3 NAG F . -29.22 7.62 -26.63
C4 NAG F . -29.70 7.53 -28.07
C5 NAG F . -30.69 6.38 -28.13
C6 NAG F . -31.30 6.18 -29.48
C7 NAG F . -27.20 5.78 -24.24
C8 NAG F . -27.07 5.86 -22.75
N2 NAG F . -28.29 6.36 -24.76
O3 NAG F . -28.27 8.67 -26.42
O4 NAG F . -30.33 8.74 -28.44
O5 NAG F . -30.00 5.17 -27.79
O6 NAG F . -32.49 5.42 -29.34
O7 NAG F . -26.38 5.23 -24.95
O1 7P9 G . 2.01 20.51 13.94
O2 7P9 G . -0.13 20.95 12.70
P1 7P9 G . 0.61 20.04 13.66
O3 7P9 G . -0.18 19.93 14.96
O4 7P9 G . 0.71 18.61 13.02
C1 7P9 G . 1.71 17.72 13.47
C2 7P9 G . 1.07 16.36 13.34
C3 7P9 G . 0.94 15.98 11.87
O5 7P9 G . -0.45 15.88 11.51
C4 7P9 G . -1.24 15.19 12.47
O6 7P9 G . -2.51 15.70 12.48
C5 7P9 G . -1.37 13.69 12.17
C6 7P9 G . -0.73 13.11 10.89
C7 7P9 G . 0.04 11.80 11.17
C8 7P9 G . -0.68 10.50 10.79
C9 7P9 G . -0.19 9.90 9.49
C10 7P9 G . -0.76 8.53 9.20
O7 7P9 G . 1.88 15.44 14.03
C12 7P9 G . 3.20 15.30 13.52
O8 7P9 G . 4.12 15.88 14.39
C13 7P9 G . 3.48 13.80 13.49
C14 7P9 G . 2.79 13.17 12.27
C11 7P9 G . 3.56 11.32 5.39
C15 7P9 G . 3.14 13.90 10.97
C16 7P9 G . 2.91 12.94 9.78
C17 7P9 G . 3.99 13.05 8.70
C18 7P9 G . 4.04 11.78 7.84
C19 7P9 G . 2.99 11.78 6.73
C1 NAG H . -20.40 -9.65 11.55
C2 NAG H . -21.49 -10.39 12.24
C3 NAG H . -21.48 -11.88 11.97
C4 NAG H . -20.27 -12.48 11.27
C5 NAG H . -19.27 -11.43 10.80
C6 NAG H . -18.30 -11.91 9.73
C7 NAG H . -22.26 -9.52 14.36
C8 NAG H . -22.03 -9.50 15.84
N2 NAG H . -21.33 -10.14 13.65
O3 NAG H . -22.64 -12.13 11.20
O4 NAG H . -19.64 -13.29 12.24
O5 NAG H . -19.96 -10.27 10.37
O6 NAG H . -17.56 -13.02 10.21
O7 NAG H . -23.25 -9.03 13.84
#